data_7P9A
#
_entry.id   7P9A
#
_cell.length_a   76.260
_cell.length_b   173.590
_cell.length_c   331.540
_cell.angle_alpha   90.000
_cell.angle_beta   90.000
_cell.angle_gamma   90.000
#
_symmetry.space_group_name_H-M   'F 2 2 2'
#
loop_
_entity.id
_entity.type
_entity.pdbx_description
1 polymer 'Short-chain acyl-CoA dehydrogenase'
2 non-polymer 'FLAVIN-ADENINE DINUCLEOTIDE'
3 non-polymer '1,5 Dienoyl-CoA'
4 non-polymer GLYCEROL
5 water water
#
_entity_poly.entity_id   1
_entity_poly.type   'polypeptide(L)'
_entity_poly.pdbx_seq_one_letter_code
;MKHLTEEQKLTLDMVRDVATREIAPRALELDEKSLFPEYARDLFAKLGLLNPLLPAAYGGTEMGVLTLALILEELGRVCA
STALLLIAQTDGMLPIIHGGSPELKERYLRRFAGESTLLTALAATEPAAGSDLLAMKTRAVRQGDKYVINGQKCFITNGS
VADVIVVYAYTDPEKGSKGISAFVVEKGTPGLVYGRNESKMGMRGSINSELFFENMEVPAENIIGAEGTGFANLMQTLST
NRVFCAAQAVGIAQGALDIAVRHTQDRVQFGKPIAHLAPVQFMVADMATAVEASRLLTRKAAELLDDGDKKAVLYGSMAK
TMASDTAMRVTTDAVQVLGGSGYMKENGVERMMRDAKLTQIYTGTNQITRMVTGRALLFPKGELNSKLEGKPIPNPLLGL
DSTRTGHHHHHH
;
_entity_poly.pdbx_strand_id   A,B
#
# COMPACT_ATOMS: atom_id res chain seq x y z
N MET A 1 -25.08 19.96 -15.81
CA MET A 1 -24.26 20.43 -14.64
C MET A 1 -24.43 19.43 -13.46
N LYS A 2 -23.72 18.28 -13.53
CA LYS A 2 -23.76 17.26 -12.48
C LYS A 2 -23.90 17.91 -11.09
N HIS A 3 -24.60 17.23 -10.18
CA HIS A 3 -24.67 17.66 -8.76
C HIS A 3 -23.26 17.44 -8.20
N LEU A 4 -22.74 18.41 -7.48
CA LEU A 4 -21.38 18.26 -6.91
C LEU A 4 -21.44 17.41 -5.64
N THR A 5 -20.51 16.51 -5.49
CA THR A 5 -20.43 15.76 -4.25
C THR A 5 -20.10 16.70 -3.09
N GLU A 6 -20.34 16.24 -1.86
CA GLU A 6 -19.96 17.09 -0.73
C GLU A 6 -18.44 17.27 -0.65
N GLU A 7 -17.69 16.33 -1.14
CA GLU A 7 -16.22 16.42 -1.14
C GLU A 7 -15.82 17.53 -2.14
N GLN A 8 -16.49 17.60 -3.28
CA GLN A 8 -16.19 18.63 -4.25
C GLN A 8 -16.58 20.01 -3.73
N LYS A 9 -17.76 20.09 -3.10
CA LYS A 9 -18.19 21.36 -2.54
C LYS A 9 -17.24 21.86 -1.45
N LEU A 10 -16.82 20.98 -0.53
CA LEU A 10 -15.80 21.40 0.47
C LEU A 10 -14.50 21.84 -0.19
N THR A 11 -14.02 21.09 -1.17
CA THR A 11 -12.80 21.48 -1.83
C THR A 11 -12.94 22.87 -2.43
N LEU A 12 -14.04 23.10 -3.18
CA LEU A 12 -14.21 24.38 -3.84
C LEU A 12 -14.43 25.55 -2.89
N ASP A 13 -15.14 25.35 -1.76
CA ASP A 13 -15.19 26.40 -0.76
C ASP A 13 -13.78 26.75 -0.25
N MET A 14 -12.97 25.75 0.03
CA MET A 14 -11.62 26.01 0.50
C MET A 14 -10.82 26.74 -0.57
N VAL A 15 -10.98 26.34 -1.83
CA VAL A 15 -10.20 27.00 -2.90
C VAL A 15 -10.59 28.45 -2.99
N ARG A 16 -11.89 28.74 -2.94
CA ARG A 16 -12.34 30.12 -3.00
C ARG A 16 -11.78 30.95 -1.84
N ASP A 17 -11.73 30.36 -0.64
CA ASP A 17 -11.17 31.03 0.51
C ASP A 17 -9.69 31.36 0.28
N VAL A 18 -8.87 30.33 -0.09
CA VAL A 18 -7.44 30.51 -0.37
C VAL A 18 -7.22 31.49 -1.50
N ALA A 19 -8.06 31.43 -2.56
CA ALA A 19 -7.86 32.32 -3.67
C ALA A 19 -7.97 33.75 -3.19
N THR A 20 -9.04 34.06 -2.47
CA THR A 20 -9.36 35.40 -1.94
C THR A 20 -8.34 35.88 -0.92
N ARG A 21 -8.02 35.05 0.09
CA ARG A 21 -7.21 35.51 1.22
C ARG A 21 -5.71 35.43 0.99
N GLU A 22 -5.23 34.43 0.23
CA GLU A 22 -3.80 34.20 0.03
C GLU A 22 -3.32 34.43 -1.37
N ILE A 23 -4.05 34.06 -2.43
CA ILE A 23 -3.56 34.11 -3.78
C ILE A 23 -3.71 35.52 -4.35
N ALA A 24 -4.93 36.08 -4.22
CA ALA A 24 -5.20 37.41 -4.76
C ALA A 24 -4.20 38.47 -4.28
N PRO A 25 -3.90 38.61 -2.98
CA PRO A 25 -2.95 39.65 -2.54
C PRO A 25 -1.53 39.49 -3.12
N ARG A 26 -1.14 38.31 -3.53
CA ARG A 26 0.18 38.03 -4.04
C ARG A 26 0.36 38.28 -5.53
N ALA A 27 -0.71 38.45 -6.28
CA ALA A 27 -0.64 38.29 -7.73
C ALA A 27 0.09 39.49 -8.39
N LEU A 28 -0.10 40.67 -7.82
CA LEU A 28 0.59 41.83 -8.38
C LEU A 28 2.10 41.63 -8.32
N GLU A 29 2.57 41.27 -7.14
CA GLU A 29 4.02 41.06 -6.96
C GLU A 29 4.52 39.89 -7.79
N LEU A 30 3.71 38.86 -7.91
CA LEU A 30 4.12 37.64 -8.68
C LEU A 30 4.43 38.02 -10.13
N ASP A 31 3.61 38.91 -10.69
CA ASP A 31 3.84 39.42 -12.03
C ASP A 31 4.97 40.39 -12.08
N GLU A 32 4.96 41.37 -11.18
CA GLU A 32 5.92 42.46 -11.18
C GLU A 32 7.34 41.93 -11.13
N LYS A 33 7.54 40.96 -10.26
CA LYS A 33 8.86 40.42 -10.11
C LYS A 33 9.06 39.04 -10.75
N SER A 34 8.12 38.57 -11.55
CA SER A 34 8.36 37.36 -12.34
C SER A 34 8.70 36.15 -11.50
N LEU A 35 7.89 35.90 -10.52
CA LEU A 35 8.21 34.94 -9.43
C LEU A 35 7.52 33.62 -9.71
N PHE A 36 8.26 32.51 -9.55
CA PHE A 36 7.57 31.24 -9.37
C PHE A 36 6.65 31.32 -8.13
N PRO A 37 5.42 30.76 -8.20
CA PRO A 37 4.47 30.86 -7.06
C PRO A 37 4.77 29.79 -6.01
N GLU A 38 5.90 29.98 -5.34
CA GLU A 38 6.40 28.97 -4.39
C GLU A 38 5.45 28.86 -3.23
N TYR A 39 4.94 30.01 -2.75
CA TYR A 39 4.11 29.96 -1.55
C TYR A 39 2.84 29.17 -1.90
N ALA A 40 2.32 29.45 -3.05
CA ALA A 40 1.09 28.76 -3.52
C ALA A 40 1.36 27.27 -3.67
N ARG A 41 2.46 26.92 -4.35
CA ARG A 41 2.79 25.52 -4.58
C ARG A 41 2.87 24.79 -3.24
N ASP A 42 3.54 25.41 -2.25
CA ASP A 42 3.70 24.77 -0.96
C ASP A 42 2.38 24.64 -0.21
N LEU A 43 1.56 25.72 -0.26
CA LEU A 43 0.25 25.71 0.39
C LEU A 43 -0.67 24.69 -0.25
N PHE A 44 -0.74 24.66 -1.59
CA PHE A 44 -1.54 23.69 -2.34
C PHE A 44 -1.16 22.25 -1.99
N ALA A 45 0.17 21.97 -1.87
CA ALA A 45 0.63 20.64 -1.44
C ALA A 45 0.06 20.28 -0.07
N LYS A 46 0.15 21.21 0.86
CA LYS A 46 -0.32 20.96 2.24
C LYS A 46 -1.83 20.73 2.27
N LEU A 47 -2.59 21.38 1.38
CA LEU A 47 -4.04 21.33 1.39
C LEU A 47 -4.56 20.24 0.47
N GLY A 48 -3.70 19.53 -0.26
CA GLY A 48 -4.18 18.49 -1.16
C GLY A 48 -4.69 18.99 -2.49
N LEU A 49 -4.16 20.14 -2.96
CA LEU A 49 -4.64 20.83 -4.17
C LEU A 49 -3.64 20.84 -5.31
N LEU A 50 -2.40 20.45 -5.06
CA LEU A 50 -1.34 20.51 -6.08
C LEU A 50 -1.56 19.47 -7.19
N ASN A 51 -2.07 18.27 -6.83
CA ASN A 51 -2.13 17.14 -7.75
C ASN A 51 -3.51 16.54 -7.75
N PRO A 52 -4.57 17.29 -8.15
CA PRO A 52 -5.95 16.81 -7.96
C PRO A 52 -6.31 15.60 -8.81
N LEU A 53 -5.61 15.34 -9.91
CA LEU A 53 -5.93 14.20 -10.71
C LEU A 53 -5.02 12.99 -10.42
N LEU A 54 -4.11 13.09 -9.43
CA LEU A 54 -3.34 11.92 -9.07
C LEU A 54 -4.25 10.82 -8.55
N PRO A 55 -4.14 9.58 -9.07
CA PRO A 55 -5.08 8.55 -8.64
C PRO A 55 -4.85 8.18 -7.19
N ALA A 56 -5.94 7.76 -6.53
CA ALA A 56 -5.89 7.34 -5.14
C ALA A 56 -4.87 6.24 -4.94
N ALA A 57 -4.72 5.37 -5.95
CA ALA A 57 -3.84 4.24 -5.86
C ALA A 57 -2.40 4.65 -5.62
N TYR A 58 -2.04 5.90 -5.99
CA TYR A 58 -0.70 6.45 -5.79
C TYR A 58 -0.71 7.56 -4.76
N GLY A 59 -1.64 7.53 -3.84
CA GLY A 59 -1.68 8.52 -2.79
C GLY A 59 -2.31 9.84 -3.14
N GLY A 60 -3.09 9.90 -4.20
CA GLY A 60 -3.67 11.12 -4.69
C GLY A 60 -5.16 11.20 -4.38
N THR A 61 -5.70 12.41 -4.67
CA THR A 61 -7.09 12.70 -4.34
C THR A 61 -8.06 12.34 -5.45
N GLU A 62 -7.59 12.14 -6.69
CA GLU A 62 -8.41 11.64 -7.78
C GLU A 62 -9.78 12.36 -7.85
N MET A 63 -9.66 13.69 -8.03
N MET A 63 -9.71 13.68 -8.05
CA MET A 63 -10.84 14.54 -8.01
CA MET A 63 -10.93 14.48 -8.01
C MET A 63 -11.62 14.53 -9.33
C MET A 63 -11.57 14.71 -9.37
N GLY A 64 -10.98 14.27 -10.44
CA GLY A 64 -11.65 14.40 -11.73
C GLY A 64 -11.52 15.77 -12.37
N VAL A 65 -11.90 15.80 -13.64
CA VAL A 65 -11.61 16.94 -14.49
C VAL A 65 -12.55 18.08 -14.19
N LEU A 66 -13.83 17.76 -13.96
CA LEU A 66 -14.79 18.78 -13.55
C LEU A 66 -14.30 19.55 -12.30
N THR A 67 -13.88 18.80 -11.26
CA THR A 67 -13.37 19.49 -10.08
C THR A 67 -12.20 20.40 -10.42
N LEU A 68 -11.21 19.91 -11.17
CA LEU A 68 -10.07 20.74 -11.47
C LEU A 68 -10.50 21.95 -12.30
N ALA A 69 -11.40 21.74 -13.24
CA ALA A 69 -11.93 22.87 -13.97
C ALA A 69 -12.48 23.99 -13.06
N LEU A 70 -13.30 23.63 -12.07
CA LEU A 70 -13.90 24.58 -11.14
C LEU A 70 -12.80 25.28 -10.32
N ILE A 71 -11.78 24.51 -9.90
CA ILE A 71 -10.62 25.04 -9.22
C ILE A 71 -9.92 26.07 -10.07
N LEU A 72 -9.68 25.71 -11.35
CA LEU A 72 -9.04 26.63 -12.32
C LEU A 72 -9.80 27.92 -12.54
N GLU A 73 -11.12 27.83 -12.56
CA GLU A 73 -11.92 29.07 -12.66
C GLU A 73 -11.73 29.95 -11.41
N GLU A 74 -11.68 29.34 -10.22
CA GLU A 74 -11.47 30.16 -9.01
C GLU A 74 -10.10 30.79 -8.96
N LEU A 75 -9.06 30.02 -9.33
CA LEU A 75 -7.71 30.56 -9.30
C LEU A 75 -7.52 31.59 -10.42
N GLY A 76 -8.08 31.30 -11.58
CA GLY A 76 -7.86 32.22 -12.71
C GLY A 76 -8.47 33.59 -12.47
N ARG A 77 -9.51 33.63 -11.69
CA ARG A 77 -10.11 34.85 -11.22
C ARG A 77 -9.12 35.77 -10.59
N VAL A 78 -8.13 35.25 -9.90
CA VAL A 78 -7.26 36.13 -9.13
C VAL A 78 -5.80 36.14 -9.51
N CYS A 79 -5.36 35.05 -10.12
CA CYS A 79 -3.96 34.89 -10.54
C CYS A 79 -3.82 33.81 -11.64
N ALA A 80 -3.74 34.26 -12.88
CA ALA A 80 -3.66 33.34 -14.00
C ALA A 80 -2.40 32.47 -13.87
N SER A 81 -1.26 33.05 -13.40
CA SER A 81 -0.01 32.33 -13.19
C SER A 81 -0.20 31.20 -12.19
N THR A 82 -0.95 31.44 -11.16
CA THR A 82 -1.10 30.39 -10.13
C THR A 82 -1.99 29.27 -10.64
N ALA A 83 -2.98 29.60 -11.44
CA ALA A 83 -3.72 28.58 -12.14
C ALA A 83 -2.80 27.79 -13.06
N LEU A 84 -1.90 28.47 -13.79
CA LEU A 84 -1.06 27.78 -14.74
C LEU A 84 -0.19 26.73 -14.02
N LEU A 85 0.25 27.03 -12.78
CA LEU A 85 0.97 26.01 -12.02
C LEU A 85 0.20 24.69 -12.00
N LEU A 86 -1.07 24.80 -11.68
CA LEU A 86 -1.90 23.60 -11.57
C LEU A 86 -2.14 22.94 -12.92
N ILE A 87 -2.26 23.75 -13.98
CA ILE A 87 -2.38 23.17 -15.30
C ILE A 87 -1.14 22.39 -15.67
N ALA A 88 0.03 23.01 -15.56
CA ALA A 88 1.27 22.32 -15.93
C ALA A 88 1.51 21.07 -15.09
N GLN A 89 1.17 21.13 -13.82
CA GLN A 89 1.44 20.02 -12.87
C GLN A 89 0.60 18.81 -13.26
N THR A 90 -0.68 19.05 -13.55
CA THR A 90 -1.58 17.97 -13.94
C THR A 90 -1.21 17.44 -15.34
N ASP A 91 -1.09 18.37 -16.31
N ASP A 91 -0.95 18.37 -16.27
CA ASP A 91 -0.58 17.99 -17.63
CA ASP A 91 -0.57 18.03 -17.63
C ASP A 91 0.65 17.08 -17.61
C ASP A 91 0.72 17.21 -17.75
N GLY A 92 1.71 17.41 -16.82
CA GLY A 92 2.90 16.60 -16.85
C GLY A 92 2.74 15.16 -16.38
N MET A 93 1.69 14.86 -15.59
CA MET A 93 1.37 13.57 -15.00
C MET A 93 0.34 12.79 -15.84
N LEU A 94 -0.45 13.47 -16.63
CA LEU A 94 -1.53 12.78 -17.34
C LEU A 94 -1.02 11.75 -18.34
N PRO A 95 0.08 11.96 -19.08
CA PRO A 95 0.63 10.92 -19.95
C PRO A 95 0.99 9.63 -19.26
N ILE A 96 1.46 9.69 -18.01
CA ILE A 96 1.82 8.51 -17.26
C ILE A 96 0.59 7.83 -16.71
N ILE A 97 -0.31 8.65 -16.13
CA ILE A 97 -1.58 8.13 -15.60
C ILE A 97 -2.32 7.33 -16.67
N HIS A 98 -2.37 7.84 -17.89
CA HIS A 98 -3.10 7.27 -19.03
C HIS A 98 -2.12 6.88 -20.14
N GLY A 99 -1.35 5.87 -19.89
CA GLY A 99 -0.52 5.23 -20.87
C GLY A 99 0.55 4.34 -20.27
N GLY A 100 0.95 4.67 -19.04
CA GLY A 100 2.03 3.96 -18.42
C GLY A 100 1.58 2.61 -17.91
N SER A 101 2.54 1.69 -17.88
CA SER A 101 2.37 0.34 -17.31
C SER A 101 2.15 0.46 -15.82
N PRO A 102 1.55 -0.56 -15.22
CA PRO A 102 1.53 -0.62 -13.75
C PRO A 102 2.87 -0.32 -13.12
N GLU A 103 3.94 -0.92 -13.64
CA GLU A 103 5.27 -0.77 -13.06
C GLU A 103 5.72 0.69 -13.17
N LEU A 104 5.59 1.25 -14.36
CA LEU A 104 5.98 2.66 -14.54
C LEU A 104 5.16 3.62 -13.68
N LYS A 105 3.87 3.42 -13.59
CA LYS A 105 3.01 4.27 -12.75
C LYS A 105 3.48 4.23 -11.29
N GLU A 106 3.72 3.03 -10.76
CA GLU A 106 4.21 2.95 -9.40
C GLU A 106 5.56 3.62 -9.27
N ARG A 107 6.46 3.34 -10.22
CA ARG A 107 7.82 3.88 -10.14
C ARG A 107 7.84 5.39 -10.10
N TYR A 108 7.06 6.07 -10.93
CA TYR A 108 7.16 7.51 -11.02
C TYR A 108 6.04 8.34 -10.40
N LEU A 109 4.84 7.78 -10.14
CA LEU A 109 3.79 8.58 -9.55
C LEU A 109 3.81 8.54 -8.02
N ARG A 110 4.37 7.51 -7.42
CA ARG A 110 4.42 7.41 -5.96
C ARG A 110 5.01 8.68 -5.34
N ARG A 111 6.07 9.22 -5.93
CA ARG A 111 6.72 10.39 -5.34
C ARG A 111 5.83 11.63 -5.29
N PHE A 112 4.69 11.66 -5.98
CA PHE A 112 3.74 12.74 -5.94
C PHE A 112 2.62 12.54 -4.93
N ALA A 113 2.66 11.44 -4.15
CA ALA A 113 1.65 11.16 -3.15
C ALA A 113 1.58 12.28 -2.09
N GLY A 114 0.39 12.44 -1.49
CA GLY A 114 0.23 13.19 -0.25
C GLY A 114 0.59 14.64 -0.45
N GLU A 115 1.40 15.15 0.46
CA GLU A 115 1.83 16.55 0.42
C GLU A 115 3.11 16.75 -0.33
N SER A 116 3.45 15.88 -1.27
CA SER A 116 4.63 16.11 -2.08
C SER A 116 4.62 17.45 -2.78
N THR A 117 5.80 18.07 -2.89
CA THR A 117 5.94 19.32 -3.60
C THR A 117 6.68 19.17 -4.90
N LEU A 118 6.99 17.93 -5.33
CA LEU A 118 7.69 17.72 -6.59
C LEU A 118 6.82 18.14 -7.77
N LEU A 119 7.46 18.53 -8.85
CA LEU A 119 6.80 19.06 -10.02
C LEU A 119 7.00 18.20 -11.26
N THR A 120 6.03 18.31 -12.18
CA THR A 120 6.03 17.67 -13.49
C THR A 120 6.16 18.70 -14.62
N ALA A 121 6.38 18.19 -15.82
CA ALA A 121 6.32 19.02 -17.02
C ALA A 121 6.07 18.12 -18.19
N LEU A 122 5.48 18.73 -19.21
CA LEU A 122 5.15 18.07 -20.46
C LEU A 122 5.95 18.77 -21.56
N ALA A 123 6.79 18.00 -22.27
CA ALA A 123 7.74 18.51 -23.31
C ALA A 123 7.50 17.86 -24.68
N ALA A 124 6.70 18.57 -25.48
CA ALA A 124 6.38 18.20 -26.83
C ALA A 124 6.84 19.22 -27.85
N THR A 125 6.49 20.49 -27.62
CA THR A 125 6.83 21.60 -28.52
C THR A 125 8.33 21.79 -28.74
N GLU A 126 8.71 22.13 -29.98
CA GLU A 126 10.06 22.42 -30.44
C GLU A 126 10.05 23.66 -31.30
N PRO A 127 11.18 24.28 -31.51
CA PRO A 127 11.20 25.42 -32.49
C PRO A 127 10.62 25.03 -33.83
N ALA A 128 10.92 23.82 -34.31
CA ALA A 128 10.43 23.31 -35.60
C ALA A 128 9.00 22.76 -35.53
N ALA A 129 8.39 22.67 -34.36
CA ALA A 129 7.18 21.86 -34.18
C ALA A 129 6.31 22.48 -33.12
N GLY A 130 5.47 23.43 -33.54
CA GLY A 130 4.52 24.08 -32.66
C GLY A 130 3.13 23.60 -32.96
N SER A 131 2.44 24.21 -33.92
CA SER A 131 1.16 23.62 -34.30
C SER A 131 1.38 22.27 -35.00
N ASP A 132 2.47 22.14 -35.74
CA ASP A 132 2.76 20.93 -36.47
C ASP A 132 3.63 20.08 -35.53
N LEU A 133 2.96 19.41 -34.60
CA LEU A 133 3.70 18.60 -33.65
C LEU A 133 4.39 17.42 -34.34
N LEU A 134 3.88 16.93 -35.47
CA LEU A 134 4.48 15.81 -36.20
C LEU A 134 5.83 16.20 -36.77
N ALA A 135 6.13 17.50 -36.83
CA ALA A 135 7.42 17.99 -37.30
C ALA A 135 8.51 17.96 -36.23
N MET A 136 8.19 17.50 -35.02
CA MET A 136 9.24 17.44 -33.98
C MET A 136 10.43 16.61 -34.46
N LYS A 137 11.61 17.02 -34.00
CA LYS A 137 12.89 16.48 -34.42
C LYS A 137 13.60 15.64 -33.37
N THR A 138 13.22 15.79 -32.13
CA THR A 138 13.83 15.01 -31.06
C THR A 138 13.68 13.53 -31.38
N ARG A 139 14.76 12.79 -31.20
CA ARG A 139 14.90 11.38 -31.53
C ARG A 139 15.27 10.57 -30.29
N ALA A 140 14.76 9.35 -30.22
CA ALA A 140 15.12 8.37 -29.20
C ALA A 140 15.49 7.09 -29.91
N VAL A 141 16.71 6.62 -29.68
CA VAL A 141 17.29 5.44 -30.29
C VAL A 141 17.46 4.38 -29.20
N ARG A 142 16.97 3.18 -29.46
CA ARG A 142 17.16 2.07 -28.52
C ARG A 142 18.60 1.61 -28.63
N GLN A 143 19.31 1.55 -27.50
CA GLN A 143 20.64 0.95 -27.45
C GLN A 143 20.69 0.08 -26.20
N GLY A 144 20.38 -1.18 -26.38
CA GLY A 144 20.45 -2.12 -25.26
C GLY A 144 19.29 -1.91 -24.34
N ASP A 145 19.58 -1.73 -23.06
CA ASP A 145 18.57 -1.45 -22.05
C ASP A 145 18.35 0.03 -21.84
N LYS A 146 18.75 0.86 -22.80
CA LYS A 146 18.55 2.30 -22.70
C LYS A 146 17.99 2.85 -24.02
N TYR A 147 17.38 4.02 -23.93
CA TYR A 147 17.15 4.87 -25.08
C TYR A 147 18.12 6.05 -25.00
N VAL A 148 18.65 6.46 -26.14
CA VAL A 148 19.53 7.62 -26.26
C VAL A 148 18.72 8.70 -26.93
N ILE A 149 18.56 9.81 -26.24
CA ILE A 149 17.67 10.87 -26.73
C ILE A 149 18.51 12.06 -27.14
N ASN A 150 18.22 12.59 -28.32
CA ASN A 150 18.87 13.82 -28.80
C ASN A 150 17.82 14.74 -29.39
N GLY A 151 17.79 16.00 -28.93
CA GLY A 151 16.99 17.06 -29.53
C GLY A 151 16.78 18.22 -28.56
N GLN A 152 15.66 18.90 -28.75
CA GLN A 152 15.37 20.08 -27.97
C GLN A 152 13.88 20.28 -27.89
N LYS A 153 13.47 21.04 -26.85
CA LYS A 153 12.08 21.46 -26.64
C LYS A 153 12.11 22.91 -26.24
N CYS A 154 11.03 23.63 -26.51
CA CYS A 154 10.89 25.01 -26.09
C CYS A 154 9.47 25.32 -25.61
N PHE A 155 9.33 26.39 -24.86
CA PHE A 155 8.11 26.88 -24.22
C PHE A 155 7.60 25.86 -23.17
N ILE A 156 8.48 25.12 -22.52
CA ILE A 156 8.07 24.08 -21.59
C ILE A 156 7.82 24.68 -20.21
N THR A 157 6.58 24.67 -19.81
CA THR A 157 6.15 25.26 -18.57
C THR A 157 6.67 24.45 -17.41
N ASN A 158 7.43 25.09 -16.52
CA ASN A 158 8.10 24.42 -15.40
C ASN A 158 9.25 23.49 -15.81
N GLY A 159 9.69 23.57 -17.06
CA GLY A 159 10.61 22.57 -17.57
C GLY A 159 11.87 22.45 -16.73
N SER A 160 12.44 23.59 -16.34
CA SER A 160 13.75 23.57 -15.71
C SER A 160 13.67 23.18 -14.24
N VAL A 161 12.45 23.09 -13.73
CA VAL A 161 12.23 22.81 -12.32
C VAL A 161 11.50 21.50 -12.08
N ALA A 162 10.96 20.87 -13.11
CA ALA A 162 10.26 19.60 -12.97
C ALA A 162 11.20 18.48 -12.53
N ASP A 163 10.76 17.72 -11.51
N ASP A 163 10.75 17.71 -11.56
CA ASP A 163 11.41 16.46 -11.17
CA ASP A 163 11.41 16.49 -11.13
C ASP A 163 11.25 15.43 -12.28
C ASP A 163 11.15 15.31 -12.08
N VAL A 164 10.06 15.37 -12.86
CA VAL A 164 9.70 14.39 -13.86
C VAL A 164 9.17 15.13 -15.08
N ILE A 165 9.78 14.89 -16.25
CA ILE A 165 9.34 15.48 -17.52
C ILE A 165 8.90 14.34 -18.44
N VAL A 166 7.76 14.51 -19.11
CA VAL A 166 7.34 13.59 -20.16
C VAL A 166 7.85 14.21 -21.46
N VAL A 167 8.83 13.53 -22.09
CA VAL A 167 9.39 13.96 -23.39
C VAL A 167 8.85 13.11 -24.54
N TYR A 168 8.36 13.77 -25.58
CA TYR A 168 7.95 13.12 -26.81
C TYR A 168 9.08 13.21 -27.83
N ALA A 169 9.36 12.09 -28.49
CA ALA A 169 10.47 11.97 -29.43
C ALA A 169 10.09 10.94 -30.49
N TYR A 170 10.74 11.06 -31.65
CA TYR A 170 10.58 10.01 -32.64
C TYR A 170 11.48 8.81 -32.34
N THR A 171 10.88 7.62 -32.22
CA THR A 171 11.59 6.36 -32.31
C THR A 171 11.64 5.82 -33.74
N ASP A 172 10.76 6.26 -34.63
CA ASP A 172 10.84 5.85 -36.04
C ASP A 172 10.35 7.06 -36.83
N PRO A 173 11.25 7.93 -37.25
CA PRO A 173 10.84 9.09 -38.06
C PRO A 173 10.05 8.73 -39.30
N GLU A 174 10.25 7.55 -39.88
CA GLU A 174 9.58 7.25 -41.15
C GLU A 174 8.10 6.99 -40.98
N LYS A 175 7.66 6.61 -39.78
CA LYS A 175 6.28 6.22 -39.57
C LYS A 175 5.38 7.36 -39.14
N GLY A 176 5.87 8.60 -39.06
CA GLY A 176 5.01 9.73 -38.79
C GLY A 176 4.20 9.63 -37.51
N SER A 177 2.86 9.70 -37.60
CA SER A 177 2.06 9.74 -36.36
C SER A 177 2.11 8.42 -35.61
N LYS A 178 2.68 7.39 -36.23
CA LYS A 178 2.92 6.12 -35.58
C LYS A 178 4.38 5.93 -35.22
N GLY A 179 5.18 6.98 -35.31
CA GLY A 179 6.61 6.79 -34.98
C GLY A 179 7.15 7.62 -33.81
N ILE A 180 6.27 8.18 -33.02
CA ILE A 180 6.58 8.97 -31.85
C ILE A 180 6.33 8.09 -30.64
N SER A 181 7.18 8.26 -29.65
CA SER A 181 7.09 7.56 -28.39
C SER A 181 7.20 8.60 -27.32
N ALA A 182 6.87 8.22 -26.09
CA ALA A 182 6.86 9.16 -25.00
C ALA A 182 7.72 8.55 -23.86
N PHE A 183 8.44 9.42 -23.15
CA PHE A 183 9.43 8.97 -22.17
C PHE A 183 9.37 9.77 -20.87
N VAL A 184 9.54 9.05 -19.76
CA VAL A 184 9.78 9.69 -18.49
C VAL A 184 11.26 10.10 -18.42
N VAL A 185 11.50 11.38 -18.14
CA VAL A 185 12.88 11.84 -18.00
C VAL A 185 13.00 12.54 -16.66
N GLU A 186 13.98 12.17 -15.85
CA GLU A 186 14.06 12.64 -14.48
C GLU A 186 15.02 13.83 -14.44
N LYS A 187 14.69 14.80 -13.62
CA LYS A 187 15.70 15.80 -13.27
C LYS A 187 17.01 15.16 -12.80
N GLY A 188 18.13 15.72 -13.21
CA GLY A 188 19.43 15.15 -12.88
C GLY A 188 19.98 14.12 -13.86
N THR A 189 19.22 13.74 -14.90
CA THR A 189 19.76 12.80 -15.89
C THR A 189 20.90 13.46 -16.67
N PRO A 190 22.12 12.89 -16.70
CA PRO A 190 23.19 13.41 -17.56
C PRO A 190 22.74 13.57 -18.99
N GLY A 191 23.05 14.71 -19.59
CA GLY A 191 22.57 14.97 -20.92
C GLY A 191 21.36 15.86 -21.00
N LEU A 192 20.64 16.08 -19.89
CA LEU A 192 19.55 17.06 -19.84
C LEU A 192 20.13 18.44 -19.54
N VAL A 193 19.87 19.40 -20.41
CA VAL A 193 20.45 20.73 -20.34
C VAL A 193 19.36 21.77 -20.44
N TYR A 194 19.42 22.77 -19.57
CA TYR A 194 18.45 23.82 -19.53
C TYR A 194 18.97 25.00 -20.32
N GLY A 195 18.07 25.61 -21.08
CA GLY A 195 18.38 26.85 -21.81
C GLY A 195 17.87 28.02 -21.03
N ARG A 196 17.42 29.05 -21.76
CA ARG A 196 16.85 30.26 -21.17
C ARG A 196 15.45 30.08 -20.61
N ASN A 197 15.10 30.93 -19.68
CA ASN A 197 13.74 31.03 -19.16
C ASN A 197 13.27 32.30 -19.85
N GLU A 198 12.41 32.21 -20.82
CA GLU A 198 12.09 33.39 -21.66
C GLU A 198 11.12 34.39 -21.03
N SER A 199 11.29 35.66 -21.37
CA SER A 199 10.46 36.74 -20.82
C SER A 199 9.19 36.92 -21.66
N LYS A 200 8.06 36.84 -21.01
CA LYS A 200 6.73 36.83 -21.65
C LYS A 200 5.94 38.09 -21.40
N MET A 201 4.96 38.31 -22.25
CA MET A 201 4.03 39.43 -22.14
C MET A 201 3.28 39.30 -20.80
N GLY A 202 2.86 38.11 -20.50
CA GLY A 202 2.04 37.87 -19.29
C GLY A 202 2.29 36.48 -18.75
N MET A 203 1.44 36.08 -17.81
CA MET A 203 1.68 34.85 -17.02
C MET A 203 3.19 34.86 -16.71
N ARG A 204 3.63 35.92 -16.07
N ARG A 204 3.60 35.96 -16.08
CA ARG A 204 5.07 36.02 -15.77
CA ARG A 204 5.00 36.19 -15.73
C ARG A 204 5.43 35.40 -14.42
C ARG A 204 5.41 35.33 -14.55
N GLY A 205 4.45 34.98 -13.64
CA GLY A 205 4.69 34.29 -12.41
C GLY A 205 4.79 32.83 -12.68
N SER A 206 5.79 32.43 -13.45
CA SER A 206 5.87 31.14 -14.09
C SER A 206 7.30 30.93 -14.57
N ILE A 207 7.55 29.71 -15.00
CA ILE A 207 8.79 29.26 -15.63
C ILE A 207 8.51 28.68 -17.00
N ASN A 208 9.23 29.15 -18.01
CA ASN A 208 8.97 28.88 -19.43
C ASN A 208 10.32 28.44 -19.97
N SER A 209 10.57 27.15 -20.14
CA SER A 209 11.91 26.65 -20.39
C SER A 209 12.20 26.13 -21.80
N GLU A 210 13.47 26.26 -22.13
CA GLU A 210 14.04 25.59 -23.28
C GLU A 210 14.77 24.35 -22.74
N LEU A 211 14.58 23.17 -23.28
CA LEU A 211 15.31 21.98 -22.92
C LEU A 211 16.17 21.47 -24.07
N PHE A 212 17.36 20.95 -23.75
CA PHE A 212 18.21 20.28 -24.71
C PHE A 212 18.57 18.92 -24.20
N PHE A 213 18.56 17.92 -25.08
CA PHE A 213 18.94 16.54 -24.78
C PHE A 213 20.14 16.20 -25.63
N GLU A 214 21.28 16.05 -24.96
CA GLU A 214 22.56 15.80 -25.60
C GLU A 214 23.05 14.43 -25.20
N ASN A 215 22.97 13.46 -26.12
CA ASN A 215 23.16 12.02 -25.88
C ASN A 215 22.64 11.61 -24.51
N MET A 216 21.39 11.92 -24.24
CA MET A 216 20.77 11.75 -22.92
C MET A 216 20.24 10.32 -22.81
N GLU A 217 20.81 9.54 -21.90
CA GLU A 217 20.39 8.14 -21.75
C GLU A 217 19.27 8.05 -20.71
N VAL A 218 18.21 7.31 -21.03
CA VAL A 218 17.14 6.99 -20.08
C VAL A 218 16.96 5.48 -20.12
N PRO A 219 16.60 4.84 -19.03
CA PRO A 219 16.40 3.39 -19.07
C PRO A 219 15.28 3.05 -20.04
N ALA A 220 15.42 1.88 -20.68
CA ALA A 220 14.39 1.40 -21.61
C ALA A 220 13.02 1.34 -20.93
N GLU A 221 12.97 1.05 -19.64
CA GLU A 221 11.74 0.93 -18.88
C GLU A 221 11.12 2.28 -18.53
N ASN A 222 11.65 3.39 -19.06
CA ASN A 222 11.02 4.67 -18.86
C ASN A 222 10.07 5.03 -20.01
N ILE A 223 10.00 4.19 -21.05
CA ILE A 223 9.05 4.45 -22.12
C ILE A 223 7.63 4.36 -21.54
N ILE A 224 6.78 5.25 -22.00
CA ILE A 224 5.37 5.29 -21.64
C ILE A 224 4.60 4.59 -22.77
N GLY A 225 4.02 3.43 -22.45
CA GLY A 225 3.33 2.67 -23.47
C GLY A 225 4.31 2.08 -24.48
N ALA A 226 3.77 1.53 -25.57
CA ALA A 226 4.63 0.89 -26.53
C ALA A 226 5.22 1.93 -27.51
N GLU A 227 6.29 1.53 -28.19
CA GLU A 227 6.87 2.43 -29.18
C GLU A 227 5.81 2.76 -30.23
N GLY A 228 5.70 4.02 -30.54
CA GLY A 228 4.86 4.49 -31.60
C GLY A 228 3.51 4.93 -31.16
N THR A 229 3.14 4.68 -29.92
CA THR A 229 1.87 5.16 -29.38
C THR A 229 1.97 6.56 -28.80
N GLY A 230 3.13 7.23 -28.89
CA GLY A 230 3.22 8.49 -28.21
C GLY A 230 2.38 9.62 -28.81
N PHE A 231 2.15 9.62 -30.14
CA PHE A 231 1.34 10.69 -30.70
C PHE A 231 -0.12 10.61 -30.18
N ALA A 232 -0.67 9.39 -30.08
CA ALA A 232 -2.03 9.27 -29.56
C ALA A 232 -2.09 9.68 -28.09
N ASN A 233 -1.07 9.30 -27.31
CA ASN A 233 -0.96 9.74 -25.94
C ASN A 233 -0.91 11.25 -25.81
N LEU A 234 -0.11 11.89 -26.67
CA LEU A 234 -0.04 13.35 -26.67
C LEU A 234 -1.43 13.97 -27.00
N MET A 235 -2.08 13.50 -28.09
CA MET A 235 -3.38 14.03 -28.53
C MET A 235 -4.43 13.86 -27.43
N GLN A 236 -4.38 12.76 -26.68
CA GLN A 236 -5.33 12.57 -25.60
C GLN A 236 -5.05 13.53 -24.49
N THR A 237 -3.76 13.71 -24.15
CA THR A 237 -3.43 14.66 -23.13
C THR A 237 -3.90 16.07 -23.53
N LEU A 238 -3.70 16.46 -24.78
CA LEU A 238 -4.15 17.80 -25.23
C LEU A 238 -5.66 17.97 -25.15
N SER A 239 -6.42 16.94 -25.51
CA SER A 239 -7.87 17.01 -25.35
C SER A 239 -8.26 17.46 -23.95
N THR A 240 -7.57 16.95 -22.94
CA THR A 240 -7.91 17.34 -21.60
C THR A 240 -7.32 18.71 -21.23
N ASN A 241 -6.06 18.96 -21.64
N ASN A 241 -6.07 19.00 -21.64
CA ASN A 241 -5.41 20.24 -21.39
CA ASN A 241 -5.54 20.29 -21.22
C ASN A 241 -6.28 21.39 -21.87
C ASN A 241 -6.21 21.47 -21.94
N ARG A 242 -6.90 21.23 -23.06
CA ARG A 242 -7.70 22.28 -23.64
C ARG A 242 -8.84 22.69 -22.71
N VAL A 243 -9.43 21.75 -22.00
CA VAL A 243 -10.51 22.10 -21.06
C VAL A 243 -9.96 22.89 -19.88
N PHE A 244 -8.73 22.55 -19.44
CA PHE A 244 -8.07 23.31 -18.36
C PHE A 244 -7.72 24.74 -18.79
N CYS A 245 -7.24 24.88 -20.01
CA CYS A 245 -7.05 26.22 -20.56
C CYS A 245 -8.38 26.98 -20.56
N ALA A 246 -9.43 26.36 -21.05
CA ALA A 246 -10.73 26.99 -21.09
C ALA A 246 -11.15 27.44 -19.70
N ALA A 247 -11.00 26.57 -18.69
CA ALA A 247 -11.40 26.93 -17.32
C ALA A 247 -10.63 28.14 -16.80
N GLN A 248 -9.31 28.12 -16.99
CA GLN A 248 -8.48 29.25 -16.58
C GLN A 248 -8.96 30.51 -17.27
N ALA A 249 -9.23 30.43 -18.55
CA ALA A 249 -9.73 31.61 -19.28
C ALA A 249 -11.07 32.16 -18.73
N VAL A 250 -11.99 31.26 -18.42
CA VAL A 250 -13.23 31.65 -17.74
C VAL A 250 -12.95 32.42 -16.48
N GLY A 251 -11.96 31.96 -15.71
CA GLY A 251 -11.61 32.66 -14.46
C GLY A 251 -11.06 34.04 -14.72
N ILE A 252 -10.16 34.14 -15.68
CA ILE A 252 -9.52 35.42 -16.03
C ILE A 252 -10.58 36.41 -16.40
N ALA A 253 -11.51 35.96 -17.24
CA ALA A 253 -12.55 36.83 -17.71
C ALA A 253 -13.43 37.25 -16.54
N GLN A 254 -13.84 36.32 -15.69
CA GLN A 254 -14.62 36.67 -14.54
C GLN A 254 -13.90 37.67 -13.63
N GLY A 255 -12.58 37.46 -13.34
CA GLY A 255 -11.89 38.34 -12.41
C GLY A 255 -11.81 39.76 -12.96
N ALA A 256 -11.67 39.90 -14.25
CA ALA A 256 -11.63 41.22 -14.85
C ALA A 256 -13.01 41.85 -14.83
N LEU A 257 -14.06 41.08 -15.17
CA LEU A 257 -15.41 41.54 -15.08
C LEU A 257 -15.69 42.04 -13.68
N ASP A 258 -15.29 41.28 -12.64
CA ASP A 258 -15.65 41.69 -11.25
C ASP A 258 -15.04 43.07 -10.96
N ILE A 259 -13.79 43.30 -11.39
CA ILE A 259 -13.16 44.60 -11.11
C ILE A 259 -13.86 45.70 -11.91
N ALA A 260 -14.26 45.41 -13.16
CA ALA A 260 -15.03 46.39 -13.97
C ALA A 260 -16.34 46.73 -13.24
N VAL A 261 -17.06 45.70 -12.80
CA VAL A 261 -18.34 45.94 -12.16
C VAL A 261 -18.20 46.84 -10.95
N ARG A 262 -17.24 46.53 -10.07
CA ARG A 262 -17.06 47.35 -8.89
C ARG A 262 -16.67 48.77 -9.26
N HIS A 263 -15.84 48.93 -10.31
CA HIS A 263 -15.47 50.29 -10.70
C HIS A 263 -16.70 51.11 -11.13
N THR A 264 -17.65 50.49 -11.83
CA THR A 264 -18.81 51.21 -12.32
C THR A 264 -19.65 51.69 -11.14
N GLN A 265 -19.64 50.92 -10.01
CA GLN A 265 -20.42 51.31 -8.88
C GLN A 265 -19.77 52.43 -8.07
N ASP A 266 -18.46 52.55 -8.11
CA ASP A 266 -17.72 53.49 -7.31
C ASP A 266 -17.32 54.76 -8.04
N ARG A 267 -17.08 54.69 -9.35
CA ARG A 267 -16.54 55.81 -10.15
C ARG A 267 -17.70 56.71 -10.57
N VAL A 268 -17.68 57.93 -10.14
CA VAL A 268 -18.70 58.92 -10.44
C VAL A 268 -18.12 59.84 -11.53
N GLN A 269 -18.86 59.97 -12.66
CA GLN A 269 -18.68 61.02 -13.66
C GLN A 269 -20.08 61.46 -14.07
N PHE A 270 -20.21 62.75 -14.44
CA PHE A 270 -21.53 63.30 -14.81
C PHE A 270 -22.49 63.15 -13.66
N GLY A 271 -21.96 63.18 -12.44
CA GLY A 271 -22.78 63.37 -11.26
C GLY A 271 -23.34 62.09 -10.65
N LYS A 272 -23.13 60.94 -11.27
CA LYS A 272 -23.61 59.67 -10.72
C LYS A 272 -22.56 58.61 -10.99
N PRO A 273 -22.61 57.48 -10.29
CA PRO A 273 -21.75 56.35 -10.71
C PRO A 273 -21.96 56.08 -12.21
N ILE A 274 -20.87 55.70 -12.85
CA ILE A 274 -20.94 55.39 -14.28
C ILE A 274 -21.81 54.19 -14.59
N ALA A 275 -22.11 53.35 -13.58
CA ALA A 275 -23.09 52.26 -13.76
C ALA A 275 -24.40 52.76 -14.28
N HIS A 276 -24.73 54.02 -14.01
CA HIS A 276 -25.96 54.64 -14.48
C HIS A 276 -25.98 54.88 -15.98
N LEU A 277 -24.84 54.83 -16.63
CA LEU A 277 -24.76 55.16 -18.09
C LEU A 277 -25.10 53.91 -18.89
N ALA A 278 -26.05 54.06 -19.80
CA ALA A 278 -26.50 52.89 -20.57
C ALA A 278 -25.40 52.23 -21.37
N PRO A 279 -24.45 52.97 -21.98
CA PRO A 279 -23.37 52.26 -22.66
C PRO A 279 -22.48 51.39 -21.79
N VAL A 280 -22.26 51.79 -20.53
CA VAL A 280 -21.54 50.97 -19.58
C VAL A 280 -22.32 49.73 -19.20
N GLN A 281 -23.64 49.92 -19.05
CA GLN A 281 -24.52 48.77 -18.81
C GLN A 281 -24.44 47.77 -19.93
N PHE A 282 -24.45 48.29 -21.17
CA PHE A 282 -24.34 47.41 -22.32
C PHE A 282 -23.03 46.67 -22.39
N MET A 283 -21.90 47.36 -22.08
CA MET A 283 -20.60 46.71 -22.11
C MET A 283 -20.58 45.56 -21.08
N VAL A 284 -21.13 45.82 -19.89
CA VAL A 284 -21.01 44.86 -18.81
C VAL A 284 -21.92 43.66 -19.13
N ALA A 285 -23.06 43.97 -19.74
CA ALA A 285 -23.97 42.92 -20.17
C ALA A 285 -23.26 41.95 -21.13
N ASP A 286 -22.61 42.51 -22.15
CA ASP A 286 -22.02 41.68 -23.18
C ASP A 286 -20.88 40.87 -22.58
N MET A 287 -20.12 41.50 -21.65
CA MET A 287 -19.00 40.84 -20.95
C MET A 287 -19.50 39.66 -20.13
N ALA A 288 -20.53 39.89 -19.26
CA ALA A 288 -21.05 38.86 -18.39
C ALA A 288 -21.66 37.71 -19.23
N THR A 289 -22.36 38.04 -20.32
CA THR A 289 -22.95 36.98 -21.09
C THR A 289 -21.92 36.06 -21.75
N ALA A 290 -20.79 36.59 -22.24
CA ALA A 290 -19.79 35.78 -22.82
C ALA A 290 -19.08 34.99 -21.77
N VAL A 291 -18.89 35.51 -20.57
CA VAL A 291 -18.27 34.70 -19.52
C VAL A 291 -19.19 33.54 -19.17
N GLU A 292 -20.50 33.83 -19.03
CA GLU A 292 -21.40 32.77 -18.61
C GLU A 292 -21.49 31.70 -19.69
N ALA A 293 -21.65 32.10 -20.96
CA ALA A 293 -21.68 31.13 -22.06
C ALA A 293 -20.40 30.27 -22.03
N SER A 294 -19.20 30.92 -21.81
CA SER A 294 -17.91 30.20 -21.84
C SER A 294 -17.87 29.21 -20.66
N ARG A 295 -18.40 29.67 -19.52
CA ARG A 295 -18.44 28.85 -18.28
C ARG A 295 -19.26 27.56 -18.53
N LEU A 296 -20.42 27.72 -19.13
CA LEU A 296 -21.30 26.59 -19.41
C LEU A 296 -20.67 25.59 -20.41
N LEU A 297 -20.07 26.11 -21.47
CA LEU A 297 -19.40 25.24 -22.48
C LEU A 297 -18.24 24.49 -21.81
N THR A 298 -17.50 25.18 -20.94
CA THR A 298 -16.36 24.56 -20.27
C THR A 298 -16.82 23.46 -19.30
N ARG A 299 -17.87 23.71 -18.53
N ARG A 299 -17.82 23.76 -18.49
CA ARG A 299 -18.37 22.72 -17.56
CA ARG A 299 -18.39 22.76 -17.59
C ARG A 299 -18.97 21.50 -18.26
C ARG A 299 -18.79 21.51 -18.37
N LYS A 300 -19.59 21.71 -19.44
CA LYS A 300 -20.09 20.59 -20.22
C LYS A 300 -18.94 19.76 -20.75
N ALA A 301 -17.90 20.40 -21.29
CA ALA A 301 -16.73 19.70 -21.78
C ALA A 301 -16.04 18.90 -20.69
N ALA A 302 -15.91 19.49 -19.50
CA ALA A 302 -15.24 18.75 -18.42
C ALA A 302 -16.02 17.51 -17.99
N GLU A 303 -17.32 17.63 -17.90
CA GLU A 303 -18.19 16.53 -17.56
C GLU A 303 -18.09 15.39 -18.59
N LEU A 304 -18.14 15.74 -19.88
CA LEU A 304 -17.98 14.74 -20.94
C LEU A 304 -16.65 14.02 -20.80
N LEU A 305 -15.58 14.72 -20.45
CA LEU A 305 -14.27 14.09 -20.23
C LEU A 305 -14.36 13.10 -19.08
N ASP A 306 -14.94 13.53 -17.95
CA ASP A 306 -15.04 12.61 -16.80
C ASP A 306 -15.88 11.40 -17.16
N ASP A 307 -16.90 11.60 -17.98
CA ASP A 307 -17.77 10.50 -18.37
C ASP A 307 -17.15 9.59 -19.44
N GLY A 308 -16.02 9.92 -20.01
CA GLY A 308 -15.38 9.15 -21.04
C GLY A 308 -16.14 9.23 -22.35
N ASP A 309 -16.78 10.37 -22.62
CA ASP A 309 -17.71 10.50 -23.73
C ASP A 309 -16.95 11.06 -24.94
N LYS A 310 -17.17 10.41 -26.09
CA LYS A 310 -16.42 10.71 -27.31
C LYS A 310 -16.57 12.19 -27.67
N LYS A 311 -17.76 12.74 -27.41
CA LYS A 311 -18.06 14.15 -27.70
C LYS A 311 -17.20 15.13 -26.96
N ALA A 312 -16.43 14.74 -25.96
CA ALA A 312 -15.56 15.64 -25.26
C ALA A 312 -14.56 16.33 -26.17
N VAL A 313 -14.09 15.65 -27.22
CA VAL A 313 -13.17 16.34 -28.12
C VAL A 313 -13.81 17.59 -28.68
N LEU A 314 -15.00 17.41 -29.28
CA LEU A 314 -15.70 18.53 -29.91
C LEU A 314 -15.97 19.65 -28.92
N TYR A 315 -16.60 19.31 -27.80
CA TYR A 315 -16.98 20.36 -26.84
C TYR A 315 -15.78 21.02 -26.15
N GLY A 316 -14.73 20.25 -25.88
CA GLY A 316 -13.55 20.86 -25.31
C GLY A 316 -12.90 21.85 -26.25
N SER A 317 -12.91 21.55 -27.55
N SER A 317 -12.90 21.55 -27.55
CA SER A 317 -12.33 22.45 -28.54
CA SER A 317 -12.27 22.46 -28.49
C SER A 317 -13.16 23.74 -28.62
C SER A 317 -13.11 23.73 -28.62
N MET A 318 -14.49 23.60 -28.58
N MET A 318 -14.44 23.58 -28.66
CA MET A 318 -15.34 24.79 -28.61
CA MET A 318 -15.34 24.73 -28.58
C MET A 318 -15.23 25.61 -27.32
C MET A 318 -15.06 25.60 -27.36
N ALA A 319 -15.02 24.95 -26.18
CA ALA A 319 -14.86 25.65 -24.93
C ALA A 319 -13.53 26.39 -24.85
N LYS A 320 -12.46 25.77 -25.35
CA LYS A 320 -11.15 26.41 -25.38
C LYS A 320 -11.20 27.66 -26.25
N THR A 321 -11.76 27.53 -27.43
CA THR A 321 -11.76 28.68 -28.36
C THR A 321 -12.60 29.79 -27.79
N MET A 322 -13.79 29.44 -27.34
N MET A 322 -13.83 29.49 -27.41
CA MET A 322 -14.74 30.45 -26.91
CA MET A 322 -14.70 30.54 -26.92
C MET A 322 -14.33 31.10 -25.60
C MET A 322 -14.20 31.17 -25.61
N ALA A 323 -13.75 30.35 -24.63
CA ALA A 323 -13.43 30.91 -23.32
C ALA A 323 -12.17 31.76 -23.42
N SER A 324 -11.23 31.43 -24.31
CA SER A 324 -10.05 32.23 -24.49
C SER A 324 -10.35 33.49 -25.26
N ASP A 325 -11.10 33.37 -26.33
CA ASP A 325 -11.58 34.56 -27.05
C ASP A 325 -12.25 35.52 -26.06
N THR A 326 -13.12 34.98 -25.20
CA THR A 326 -13.89 35.72 -24.22
C THR A 326 -12.97 36.35 -23.21
N ALA A 327 -11.92 35.63 -22.70
CA ALA A 327 -11.03 36.28 -21.80
C ALA A 327 -10.29 37.45 -22.50
N MET A 328 -9.89 37.29 -23.76
CA MET A 328 -9.21 38.35 -24.49
C MET A 328 -10.15 39.56 -24.63
N ARG A 329 -11.38 39.34 -25.03
CA ARG A 329 -12.30 40.44 -25.22
C ARG A 329 -12.72 41.13 -23.91
N VAL A 330 -13.11 40.34 -22.91
CA VAL A 330 -13.60 40.84 -21.66
C VAL A 330 -12.45 41.60 -20.95
N THR A 331 -11.21 41.09 -20.95
CA THR A 331 -10.18 41.81 -20.28
C THR A 331 -9.88 43.13 -21.02
N THR A 332 -9.83 43.08 -22.35
CA THR A 332 -9.64 44.30 -23.14
C THR A 332 -10.69 45.35 -22.74
N ASP A 333 -11.91 44.92 -22.61
CA ASP A 333 -12.99 45.81 -22.20
C ASP A 333 -12.98 46.18 -20.76
N ALA A 334 -12.45 45.34 -19.87
CA ALA A 334 -12.43 45.73 -18.45
C ALA A 334 -11.36 46.84 -18.20
N VAL A 335 -10.25 46.77 -18.89
CA VAL A 335 -9.34 47.88 -18.94
C VAL A 335 -10.04 49.15 -19.41
N GLN A 336 -10.85 49.01 -20.47
CA GLN A 336 -11.61 50.14 -20.99
C GLN A 336 -12.53 50.76 -19.94
N VAL A 337 -13.29 49.89 -19.24
CA VAL A 337 -14.21 50.36 -18.21
C VAL A 337 -13.55 51.14 -17.11
N LEU A 338 -12.30 50.81 -16.76
CA LEU A 338 -11.56 51.50 -15.72
C LEU A 338 -10.90 52.74 -16.29
N GLY A 339 -11.02 52.99 -17.62
CA GLY A 339 -10.44 54.21 -18.21
C GLY A 339 -8.96 54.29 -17.94
N GLY A 340 -8.49 55.50 -17.72
CA GLY A 340 -7.06 55.70 -17.43
C GLY A 340 -6.54 54.75 -16.35
N SER A 341 -7.25 54.67 -15.25
CA SER A 341 -6.83 53.76 -14.16
C SER A 341 -6.64 52.33 -14.65
N GLY A 342 -7.40 51.90 -15.64
CA GLY A 342 -7.33 50.50 -16.14
C GLY A 342 -5.99 50.16 -16.79
N TYR A 343 -5.30 51.19 -17.26
CA TYR A 343 -4.00 51.09 -17.93
C TYR A 343 -2.85 51.08 -16.92
N MET A 344 -3.17 51.34 -15.67
CA MET A 344 -2.12 51.42 -14.63
C MET A 344 -1.89 50.04 -13.99
N LYS A 345 -0.62 49.72 -13.83
CA LYS A 345 -0.21 48.42 -13.27
C LYS A 345 -0.81 48.15 -11.91
N GLU A 346 -0.98 49.19 -11.10
CA GLU A 346 -1.48 48.98 -9.74
C GLU A 346 -2.91 48.43 -9.69
N ASN A 347 -3.74 48.56 -10.73
CA ASN A 347 -5.10 48.14 -10.69
C ASN A 347 -5.40 46.79 -11.25
N GLY A 348 -4.39 46.01 -11.67
CA GLY A 348 -4.56 44.58 -11.92
C GLY A 348 -5.16 44.11 -13.27
N VAL A 349 -6.14 44.87 -13.75
N VAL A 349 -6.22 44.75 -13.80
CA VAL A 349 -6.86 44.44 -14.92
CA VAL A 349 -6.81 44.29 -15.07
C VAL A 349 -5.98 44.46 -16.18
C VAL A 349 -5.76 44.31 -16.20
N GLU A 350 -4.91 45.34 -16.24
CA GLU A 350 -3.94 45.31 -17.33
C GLU A 350 -3.16 43.95 -17.36
N ARG A 351 -2.79 43.45 -16.19
CA ARG A 351 -2.13 42.14 -16.12
C ARG A 351 -3.08 41.04 -16.63
N MET A 352 -4.32 41.09 -16.23
CA MET A 352 -5.25 40.05 -16.67
C MET A 352 -5.43 40.07 -18.17
N MET A 353 -5.37 41.26 -18.80
CA MET A 353 -5.41 41.36 -20.24
C MET A 353 -4.15 40.75 -20.86
N ARG A 354 -2.93 41.05 -20.29
CA ARG A 354 -1.71 40.40 -20.75
C ARG A 354 -1.74 38.88 -20.57
N ASP A 355 -2.28 38.42 -19.46
CA ASP A 355 -2.44 36.99 -19.18
C ASP A 355 -3.38 36.31 -20.18
N ALA A 356 -4.47 36.99 -20.50
CA ALA A 356 -5.55 36.45 -21.35
C ALA A 356 -5.02 36.07 -22.72
N LYS A 357 -4.13 36.88 -23.24
CA LYS A 357 -3.61 36.65 -24.57
C LYS A 357 -3.05 35.25 -24.70
N LEU A 358 -2.32 34.80 -23.64
CA LEU A 358 -1.66 33.49 -23.75
C LEU A 358 -2.75 32.38 -23.99
N THR A 359 -3.92 32.53 -23.38
CA THR A 359 -4.91 31.44 -23.44
C THR A 359 -5.38 31.18 -24.87
N GLN A 360 -5.22 32.15 -25.77
CA GLN A 360 -5.52 32.00 -27.21
C GLN A 360 -4.44 31.24 -27.94
N ILE A 361 -3.26 31.06 -27.34
CA ILE A 361 -2.15 30.52 -28.03
C ILE A 361 -1.78 29.13 -27.51
N TYR A 362 -1.60 28.99 -26.22
CA TYR A 362 -1.14 27.72 -25.67
C TYR A 362 -2.25 26.68 -25.61
N THR A 363 -1.81 25.44 -25.40
CA THR A 363 -2.56 24.17 -25.53
C THR A 363 -3.05 23.97 -26.95
N GLY A 364 -2.35 24.62 -27.90
CA GLY A 364 -2.77 24.66 -29.28
C GLY A 364 -3.47 26.00 -29.59
N THR A 365 -3.14 26.71 -30.69
CA THR A 365 -3.76 28.01 -30.88
C THR A 365 -5.23 27.88 -31.27
N ASN A 366 -5.92 29.02 -31.18
CA ASN A 366 -7.35 29.05 -31.54
C ASN A 366 -7.59 28.82 -33.02
N GLN A 367 -6.61 28.91 -33.87
CA GLN A 367 -6.76 28.50 -35.29
C GLN A 367 -6.73 26.96 -35.41
N ILE A 368 -5.83 26.30 -34.68
CA ILE A 368 -5.85 24.84 -34.61
C ILE A 368 -7.12 24.35 -33.94
N THR A 369 -7.57 24.98 -32.83
CA THR A 369 -8.77 24.47 -32.17
C THR A 369 -10.01 24.63 -33.07
N ARG A 370 -10.03 25.68 -33.85
CA ARG A 370 -11.13 25.82 -34.83
C ARG A 370 -11.07 24.70 -35.91
N MET A 371 -9.87 24.30 -36.36
CA MET A 371 -9.68 23.18 -37.26
C MET A 371 -10.21 21.89 -36.64
N VAL A 372 -9.83 21.62 -35.40
CA VAL A 372 -10.25 20.42 -34.71
C VAL A 372 -11.80 20.38 -34.63
N THR A 373 -12.37 21.49 -34.24
CA THR A 373 -13.83 21.61 -34.09
C THR A 373 -14.53 21.42 -35.44
N GLY A 374 -14.07 22.16 -36.44
CA GLY A 374 -14.63 22.03 -37.76
C GLY A 374 -14.48 20.63 -38.36
N ARG A 375 -13.34 20.03 -38.19
CA ARG A 375 -13.17 18.67 -38.68
C ARG A 375 -14.19 17.72 -38.02
N ALA A 376 -14.29 17.80 -36.69
CA ALA A 376 -15.22 16.95 -35.92
C ALA A 376 -16.68 17.11 -36.36
N LEU A 377 -17.05 18.33 -36.78
CA LEU A 377 -18.44 18.61 -37.19
C LEU A 377 -18.68 18.16 -38.61
N LEU A 378 -17.67 18.33 -39.49
CA LEU A 378 -17.87 17.99 -40.90
C LEU A 378 -17.51 16.57 -41.32
N PHE A 379 -16.66 15.93 -40.57
CA PHE A 379 -16.19 14.57 -40.83
C PHE A 379 -16.43 13.75 -39.58
N PRO A 380 -17.68 13.66 -39.12
CA PRO A 380 -17.90 12.99 -37.82
C PRO A 380 -17.59 11.49 -37.93
N LYS B 2 5.41 -16.54 40.03
CA LYS B 2 5.14 -17.95 39.77
C LYS B 2 3.93 -18.48 40.56
N HIS B 3 3.51 -17.80 41.66
CA HIS B 3 2.20 -18.11 42.23
C HIS B 3 1.11 -17.89 41.17
N LEU B 4 0.30 -18.90 40.92
CA LEU B 4 -0.74 -18.72 39.91
C LEU B 4 -1.88 -17.90 40.51
N THR B 5 -2.44 -17.00 39.69
CA THR B 5 -3.66 -16.32 40.08
C THR B 5 -4.76 -17.37 40.22
N GLU B 6 -5.80 -17.06 40.98
CA GLU B 6 -6.92 -18.01 41.00
C GLU B 6 -7.63 -18.05 39.64
N GLU B 7 -7.58 -16.95 38.87
CA GLU B 7 -8.08 -17.05 37.50
C GLU B 7 -7.31 -18.09 36.70
N GLN B 8 -5.99 -18.10 36.85
CA GLN B 8 -5.19 -19.11 36.15
C GLN B 8 -5.53 -20.51 36.64
N LYS B 9 -5.67 -20.69 37.94
CA LYS B 9 -5.96 -22.01 38.47
C LYS B 9 -7.31 -22.51 37.98
N LEU B 10 -8.28 -21.60 37.88
CA LEU B 10 -9.66 -21.93 37.40
C LEU B 10 -9.56 -22.40 35.95
N THR B 11 -8.95 -21.59 35.12
CA THR B 11 -8.62 -21.99 33.74
C THR B 11 -7.97 -23.37 33.65
N LEU B 12 -6.89 -23.60 34.40
CA LEU B 12 -6.15 -24.85 34.24
C LEU B 12 -6.95 -26.07 34.73
N ASP B 13 -7.74 -25.92 35.79
CA ASP B 13 -8.62 -27.01 36.20
C ASP B 13 -9.62 -27.35 35.12
N MET B 14 -10.23 -26.33 34.52
CA MET B 14 -11.17 -26.55 33.43
C MET B 14 -10.48 -27.20 32.26
N VAL B 15 -9.28 -26.74 31.93
CA VAL B 15 -8.55 -27.39 30.85
C VAL B 15 -8.28 -28.84 31.19
N ARG B 16 -7.92 -29.14 32.46
CA ARG B 16 -7.58 -30.54 32.72
C ARG B 16 -8.83 -31.41 32.57
N ASP B 17 -9.97 -30.87 32.97
CA ASP B 17 -11.23 -31.59 32.86
C ASP B 17 -11.59 -31.84 31.40
N VAL B 18 -11.47 -30.82 30.55
CA VAL B 18 -11.81 -30.97 29.13
C VAL B 18 -10.83 -31.92 28.44
N ALA B 19 -9.55 -31.86 28.81
CA ALA B 19 -8.56 -32.76 28.25
C ALA B 19 -8.95 -34.21 28.53
N THR B 20 -9.28 -34.48 29.76
CA THR B 20 -9.60 -35.82 30.23
C THR B 20 -10.89 -36.35 29.63
N ARG B 21 -11.95 -35.51 29.62
CA ARG B 21 -13.29 -36.03 29.36
C ARG B 21 -13.65 -35.88 27.88
N GLU B 22 -13.09 -34.91 27.22
CA GLU B 22 -13.49 -34.63 25.86
C GLU B 22 -12.36 -34.81 24.88
N ILE B 23 -11.12 -34.36 25.20
CA ILE B 23 -10.08 -34.43 24.19
C ILE B 23 -9.47 -35.85 24.10
N ALA B 24 -9.10 -36.45 25.24
CA ALA B 24 -8.48 -37.77 25.27
C ALA B 24 -9.26 -38.80 24.47
N PRO B 25 -10.59 -38.95 24.66
CA PRO B 25 -11.32 -40.03 23.97
C PRO B 25 -11.37 -39.87 22.44
N ARG B 26 -11.07 -38.68 21.96
CA ARG B 26 -11.11 -38.31 20.53
C ARG B 26 -9.78 -38.51 19.83
N ALA B 27 -8.71 -38.72 20.57
CA ALA B 27 -7.38 -38.59 19.99
C ALA B 27 -7.06 -39.72 19.04
N LEU B 28 -7.47 -40.97 19.37
CA LEU B 28 -7.20 -42.08 18.45
C LEU B 28 -7.82 -41.82 17.10
N GLU B 29 -9.10 -41.49 17.07
CA GLU B 29 -9.78 -41.26 15.82
C GLU B 29 -9.18 -40.08 15.08
N LEU B 30 -8.85 -39.03 15.83
CA LEU B 30 -8.24 -37.83 15.23
C LEU B 30 -7.01 -38.21 14.41
N ASP B 31 -6.18 -39.09 14.92
CA ASP B 31 -5.00 -39.59 14.21
C ASP B 31 -5.35 -40.58 13.13
N GLU B 32 -6.21 -41.51 13.45
CA GLU B 32 -6.48 -42.58 12.52
C GLU B 32 -7.09 -42.05 11.24
N LYS B 33 -8.00 -41.08 11.34
CA LYS B 33 -8.69 -40.51 10.20
C LYS B 33 -8.16 -39.16 9.77
N SER B 34 -7.06 -38.70 10.40
CA SER B 34 -6.37 -37.46 9.99
C SER B 34 -7.36 -36.29 9.91
N LEU B 35 -8.06 -36.03 11.02
CA LEU B 35 -9.13 -35.05 11.11
C LEU B 35 -8.67 -33.75 11.73
N PHE B 36 -9.16 -32.65 11.16
CA PHE B 36 -9.00 -31.38 11.87
C PHE B 36 -9.83 -31.47 13.15
N PRO B 37 -9.33 -30.99 14.28
CA PRO B 37 -10.07 -31.10 15.58
C PRO B 37 -11.14 -30.01 15.67
N GLU B 38 -12.16 -30.18 14.84
CA GLU B 38 -13.23 -29.23 14.77
C GLU B 38 -13.92 -29.12 16.10
N TYR B 39 -14.20 -30.29 16.71
CA TYR B 39 -14.94 -30.29 17.97
C TYR B 39 -14.19 -29.48 19.00
N ALA B 40 -12.89 -29.76 19.10
CA ALA B 40 -12.01 -29.09 20.06
C ALA B 40 -11.98 -27.60 19.76
N ARG B 41 -11.89 -27.25 18.49
CA ARG B 41 -11.81 -25.84 18.11
C ARG B 41 -13.07 -25.11 18.53
N ASP B 42 -14.25 -25.69 18.27
CA ASP B 42 -15.47 -25.01 18.59
C ASP B 42 -15.68 -24.92 20.10
N LEU B 43 -15.31 -25.97 20.84
CA LEU B 43 -15.47 -26.00 22.29
C LEU B 43 -14.53 -25.00 22.96
N PHE B 44 -13.29 -24.94 22.48
CA PHE B 44 -12.33 -23.97 22.96
C PHE B 44 -12.83 -22.54 22.78
N ALA B 45 -13.35 -22.23 21.58
CA ALA B 45 -13.98 -20.95 21.32
C ALA B 45 -15.01 -20.64 22.38
N LYS B 46 -15.94 -21.60 22.64
CA LYS B 46 -16.99 -21.37 23.62
C LYS B 46 -16.41 -21.09 24.99
N LEU B 47 -15.33 -21.77 25.32
CA LEU B 47 -14.77 -21.76 26.65
C LEU B 47 -13.73 -20.66 26.85
N GLY B 48 -13.41 -19.89 25.81
CA GLY B 48 -12.41 -18.86 25.91
C GLY B 48 -10.98 -19.37 25.88
N LEU B 49 -10.74 -20.55 25.31
CA LEU B 49 -9.41 -21.17 25.31
C LEU B 49 -8.73 -21.12 23.96
N LEU B 50 -9.43 -20.70 22.90
CA LEU B 50 -8.87 -20.77 21.55
C LEU B 50 -7.84 -19.68 21.29
N ASN B 51 -8.04 -18.48 21.86
CA ASN B 51 -7.17 -17.33 21.58
C ASN B 51 -6.64 -16.73 22.88
N PRO B 52 -5.93 -17.53 23.69
CA PRO B 52 -5.59 -17.08 25.05
C PRO B 52 -4.72 -15.83 25.10
N LEU B 53 -3.93 -15.56 24.07
CA LEU B 53 -3.08 -14.38 24.07
C LEU B 53 -3.66 -13.20 23.33
N LEU B 54 -4.90 -13.27 22.91
CA LEU B 54 -5.50 -12.11 22.28
C LEU B 54 -5.61 -10.99 23.32
N PRO B 55 -5.10 -9.80 23.03
CA PRO B 55 -5.19 -8.73 24.02
C PRO B 55 -6.63 -8.38 24.35
N ALA B 56 -6.81 -7.93 25.62
CA ALA B 56 -8.12 -7.49 26.11
C ALA B 56 -8.62 -6.27 25.37
N ALA B 57 -7.72 -5.46 24.81
CA ALA B 57 -8.13 -4.29 24.06
C ALA B 57 -8.90 -4.66 22.80
N TYR B 58 -8.78 -5.91 22.36
CA TYR B 58 -9.44 -6.43 21.18
C TYR B 58 -10.43 -7.52 21.56
N GLY B 59 -10.88 -7.52 22.80
CA GLY B 59 -11.89 -8.50 23.20
C GLY B 59 -11.34 -9.85 23.62
N GLY B 60 -10.02 -9.96 23.88
CA GLY B 60 -9.44 -11.24 24.24
C GLY B 60 -9.16 -11.39 25.75
N THR B 61 -8.73 -12.59 26.12
CA THR B 61 -8.49 -12.93 27.51
C THR B 61 -7.09 -12.52 27.98
N GLU B 62 -6.13 -12.30 27.08
CA GLU B 62 -4.78 -11.84 27.41
C GLU B 62 -4.19 -12.58 28.62
N MET B 63 -4.08 -13.91 28.47
N MET B 63 -4.08 -13.90 28.49
CA MET B 63 -3.69 -14.74 29.61
CA MET B 63 -3.69 -14.72 29.64
C MET B 63 -2.19 -14.78 29.84
C MET B 63 -2.18 -14.89 29.80
N GLY B 64 -1.37 -14.48 28.85
CA GLY B 64 0.07 -14.58 29.04
C GLY B 64 0.64 -15.95 28.70
N VAL B 65 1.99 -16.00 28.62
CA VAL B 65 2.69 -17.16 28.06
C VAL B 65 2.72 -18.32 29.03
N LEU B 66 2.96 -18.05 30.32
CA LEU B 66 2.96 -19.13 31.30
C LEU B 66 1.62 -19.87 31.31
N THR B 67 0.52 -19.13 31.30
CA THR B 67 -0.80 -19.78 31.26
C THR B 67 -0.92 -20.66 30.03
N LEU B 68 -0.56 -20.12 28.86
CA LEU B 68 -0.68 -20.93 27.66
C LEU B 68 0.25 -22.14 27.72
N ALA B 69 1.48 -21.96 28.23
CA ALA B 69 2.38 -23.11 28.39
C ALA B 69 1.71 -24.22 29.23
N LEU B 70 1.08 -23.87 30.35
CA LEU B 70 0.44 -24.84 31.23
C LEU B 70 -0.75 -25.53 30.54
N ILE B 71 -1.52 -24.77 29.75
CA ILE B 71 -2.59 -25.33 28.90
C ILE B 71 -2.02 -26.36 27.93
N LEU B 72 -0.93 -25.99 27.23
CA LEU B 72 -0.35 -26.87 26.24
C LEU B 72 0.21 -28.13 26.88
N GLU B 73 0.77 -28.03 28.08
CA GLU B 73 1.19 -29.26 28.77
C GLU B 73 -0.05 -30.14 28.99
N GLU B 74 -1.16 -29.56 29.41
CA GLU B 74 -2.33 -30.39 29.70
C GLU B 74 -2.87 -31.06 28.43
N LEU B 75 -2.92 -30.29 27.33
CA LEU B 75 -3.46 -30.85 26.09
C LEU B 75 -2.50 -31.84 25.45
N GLY B 76 -1.18 -31.55 25.54
CA GLY B 76 -0.18 -32.41 24.93
C GLY B 76 -0.18 -33.79 25.58
N ARG B 77 -0.61 -33.87 26.83
CA ARG B 77 -0.64 -35.15 27.54
C ARG B 77 -1.63 -36.09 26.90
N VAL B 78 -2.63 -35.53 26.23
CA VAL B 78 -3.71 -36.38 25.69
C VAL B 78 -3.79 -36.36 24.16
N CYS B 79 -3.42 -35.27 23.55
CA CYS B 79 -3.55 -35.14 22.09
C CYS B 79 -2.61 -34.07 21.58
N ALA B 80 -1.48 -34.49 21.02
CA ALA B 80 -0.54 -33.47 20.58
C ALA B 80 -1.14 -32.60 19.45
N SER B 81 -1.92 -33.22 18.57
CA SER B 81 -2.53 -32.44 17.46
C SER B 81 -3.47 -31.35 17.97
N THR B 82 -4.22 -31.62 19.04
CA THR B 82 -5.11 -30.61 19.63
C THR B 82 -4.30 -29.49 20.28
N ALA B 83 -3.21 -29.83 20.95
CA ALA B 83 -2.27 -28.81 21.38
C ALA B 83 -1.73 -27.96 20.20
N LEU B 84 -1.38 -28.61 19.08
CA LEU B 84 -0.85 -27.89 17.92
C LEU B 84 -1.91 -26.89 17.37
N LEU B 85 -3.22 -27.23 17.42
CA LEU B 85 -4.21 -26.21 17.05
C LEU B 85 -3.96 -24.92 17.80
N LEU B 86 -3.80 -24.97 19.13
CA LEU B 86 -3.58 -23.75 19.90
C LEU B 86 -2.22 -23.10 19.62
N ILE B 87 -1.19 -23.89 19.36
CA ILE B 87 0.14 -23.33 19.01
C ILE B 87 0.01 -22.53 17.71
N ALA B 88 -0.60 -23.16 16.70
CA ALA B 88 -0.67 -22.49 15.38
C ALA B 88 -1.54 -21.24 15.46
N GLN B 89 -2.64 -21.30 16.24
CA GLN B 89 -3.62 -20.21 16.30
C GLN B 89 -2.99 -18.97 16.96
N THR B 90 -2.27 -19.19 18.05
CA THR B 90 -1.61 -18.10 18.73
C THR B 90 -0.43 -17.56 17.92
N ASP B 91 0.35 -18.47 17.35
N ASP B 91 0.37 -18.47 17.36
CA ASP B 91 1.51 -18.08 16.55
CA ASP B 91 1.51 -18.05 16.53
C ASP B 91 1.09 -17.30 15.31
C ASP B 91 1.03 -17.20 15.37
N GLY B 92 -0.10 -17.57 14.77
CA GLY B 92 -0.61 -16.79 13.65
C GLY B 92 -0.98 -15.37 14.00
N MET B 93 -1.37 -15.10 15.25
CA MET B 93 -1.76 -13.73 15.57
C MET B 93 -0.65 -12.94 16.23
N LEU B 94 0.38 -13.58 16.77
CA LEU B 94 1.45 -12.83 17.45
C LEU B 94 2.13 -11.78 16.57
N PRO B 95 2.39 -12.03 15.28
CA PRO B 95 2.95 -10.96 14.45
C PRO B 95 2.14 -9.69 14.43
N ILE B 96 0.81 -9.83 14.43
CA ILE B 96 -0.07 -8.68 14.36
C ILE B 96 -0.12 -8.00 15.72
N ILE B 97 -0.24 -8.80 16.78
CA ILE B 97 -0.28 -8.27 18.13
C ILE B 97 0.96 -7.46 18.41
N HIS B 98 2.13 -7.99 17.99
CA HIS B 98 3.44 -7.42 18.31
C HIS B 98 4.09 -6.90 17.03
N GLY B 99 3.46 -5.91 16.42
CA GLY B 99 4.03 -5.20 15.30
C GLY B 99 3.03 -4.47 14.42
N GLY B 100 1.75 -4.85 14.51
CA GLY B 100 0.72 -4.12 13.78
C GLY B 100 0.48 -2.70 14.28
N SER B 101 0.04 -1.83 13.36
CA SER B 101 -0.39 -0.53 13.73
C SER B 101 -1.65 -0.63 14.58
N PRO B 102 -2.01 0.41 15.33
CA PRO B 102 -3.33 0.40 15.99
C PRO B 102 -4.49 0.13 15.04
N GLU B 103 -4.46 0.76 13.85
CA GLU B 103 -5.53 0.58 12.86
C GLU B 103 -5.58 -0.86 12.36
N LEU B 104 -4.41 -1.42 12.00
CA LEU B 104 -4.34 -2.80 11.54
C LEU B 104 -4.83 -3.74 12.62
N LYS B 105 -4.38 -3.51 13.86
CA LYS B 105 -4.76 -4.40 14.96
C LYS B 105 -6.27 -4.38 15.19
N GLU B 106 -6.88 -3.19 15.18
CA GLU B 106 -8.34 -3.08 15.31
C GLU B 106 -9.03 -3.75 14.13
N ARG B 107 -8.49 -3.58 12.92
CA ARG B 107 -9.14 -4.17 11.76
C ARG B 107 -9.16 -5.70 11.83
N TYR B 108 -8.04 -6.32 12.24
CA TYR B 108 -7.92 -7.77 12.13
C TYR B 108 -8.12 -8.52 13.43
N LEU B 109 -7.78 -7.92 14.56
CA LEU B 109 -7.82 -8.72 15.77
C LEU B 109 -9.20 -8.73 16.40
N ARG B 110 -9.99 -7.67 16.18
CA ARG B 110 -11.34 -7.60 16.73
C ARG B 110 -12.14 -8.86 16.40
N ARG B 111 -11.92 -9.45 15.22
CA ARG B 111 -12.81 -10.54 14.78
C ARG B 111 -12.52 -11.86 15.48
N PHE B 112 -11.45 -11.93 16.23
CA PHE B 112 -11.12 -13.07 17.06
C PHE B 112 -11.61 -12.96 18.50
N ALA B 113 -12.28 -11.86 18.85
CA ALA B 113 -12.76 -11.62 20.21
C ALA B 113 -13.81 -12.65 20.62
N GLY B 114 -13.92 -12.85 21.93
CA GLY B 114 -15.04 -13.66 22.40
C GLY B 114 -14.96 -15.07 21.86
N GLU B 115 -16.12 -15.58 21.43
CA GLU B 115 -16.28 -16.96 21.01
C GLU B 115 -16.03 -17.16 19.53
N SER B 116 -15.36 -16.24 18.88
CA SER B 116 -15.04 -16.45 17.47
C SER B 116 -14.24 -17.75 17.24
N THR B 117 -14.55 -18.40 16.11
CA THR B 117 -13.91 -19.64 15.68
C THR B 117 -13.02 -19.45 14.46
N LEU B 118 -12.82 -18.19 14.04
CA LEU B 118 -11.89 -17.94 12.95
C LEU B 118 -10.46 -18.38 13.27
N LEU B 119 -9.70 -18.69 12.22
CA LEU B 119 -8.40 -19.34 12.37
C LEU B 119 -7.31 -18.49 11.73
N THR B 120 -6.14 -18.55 12.33
CA THR B 120 -4.86 -17.98 11.84
C THR B 120 -3.83 -18.99 11.35
N ALA B 121 -2.77 -18.46 10.68
CA ALA B 121 -1.63 -19.25 10.29
C ALA B 121 -0.45 -18.30 10.09
N LEU B 122 0.71 -18.82 10.35
CA LEU B 122 1.98 -18.16 10.13
C LEU B 122 2.66 -18.79 8.92
N ALA B 123 2.95 -17.98 7.88
CA ALA B 123 3.54 -18.49 6.63
C ALA B 123 4.92 -17.90 6.36
N ALA B 124 5.94 -18.59 6.85
CA ALA B 124 7.36 -18.19 6.69
C ALA B 124 8.12 -19.17 5.82
N THR B 125 8.10 -20.45 6.20
CA THR B 125 8.92 -21.51 5.58
C THR B 125 8.58 -21.80 4.12
N GLU B 126 9.61 -22.08 3.32
CA GLU B 126 9.50 -22.38 1.91
C GLU B 126 10.40 -23.57 1.62
N PRO B 127 10.24 -24.20 0.47
CA PRO B 127 11.16 -25.30 0.12
C PRO B 127 12.62 -24.84 0.08
N ALA B 128 12.85 -23.61 -0.25
CA ALA B 128 14.22 -23.07 -0.29
C ALA B 128 14.68 -22.49 1.04
N ALA B 129 13.83 -22.42 2.04
CA ALA B 129 14.06 -21.58 3.23
C ALA B 129 13.39 -22.26 4.40
N GLY B 130 14.15 -23.10 5.09
CA GLY B 130 13.71 -23.76 6.31
C GLY B 130 14.47 -23.17 7.49
N SER B 131 15.59 -23.81 7.83
CA SER B 131 16.43 -23.22 8.88
C SER B 131 16.99 -21.88 8.44
N ASP B 132 17.32 -21.78 7.15
CA ASP B 132 17.84 -20.55 6.58
C ASP B 132 16.65 -19.69 6.11
N LEU B 133 15.95 -19.03 7.05
CA LEU B 133 14.75 -18.26 6.65
C LEU B 133 15.09 -17.08 5.75
N LEU B 134 16.29 -16.55 5.87
CA LEU B 134 16.69 -15.42 5.02
C LEU B 134 16.74 -15.83 3.55
N ALA B 135 16.81 -17.12 3.28
CA ALA B 135 16.77 -17.56 1.88
C ALA B 135 15.36 -17.57 1.26
N MET B 136 14.31 -17.16 1.96
CA MET B 136 12.95 -17.20 1.39
C MET B 136 12.90 -16.38 0.10
N LYS B 137 12.21 -16.95 -0.91
CA LYS B 137 12.13 -16.36 -2.25
C LYS B 137 10.84 -15.63 -2.52
N THR B 138 9.81 -15.78 -1.68
CA THR B 138 8.56 -15.06 -1.92
C THR B 138 8.81 -13.56 -1.95
N ARG B 139 8.24 -12.92 -2.93
CA ARG B 139 8.49 -11.51 -3.20
C ARG B 139 7.21 -10.69 -3.13
N ALA B 140 7.27 -9.52 -2.53
CA ALA B 140 6.13 -8.61 -2.51
C ALA B 140 6.52 -7.29 -3.14
N VAL B 141 5.76 -6.84 -4.15
CA VAL B 141 6.09 -5.69 -4.94
C VAL B 141 4.95 -4.69 -4.82
N ARG B 142 5.26 -3.47 -4.39
CA ARG B 142 4.24 -2.46 -4.26
C ARG B 142 3.83 -2.08 -5.66
N GLN B 143 2.52 -2.05 -5.90
N GLN B 143 2.52 -2.08 -5.94
CA GLN B 143 2.00 -1.61 -7.19
CA GLN B 143 2.04 -1.58 -7.22
C GLN B 143 0.65 -0.95 -6.97
C GLN B 143 0.67 -0.95 -6.97
N GLY B 144 0.65 0.38 -6.89
CA GLY B 144 -0.62 1.09 -6.65
C GLY B 144 -1.11 0.82 -5.24
N ASP B 145 -2.38 0.47 -5.09
CA ASP B 145 -2.94 0.27 -3.76
C ASP B 145 -2.74 -1.15 -3.21
N LYS B 146 -1.87 -1.95 -3.83
CA LYS B 146 -1.67 -3.32 -3.44
C LYS B 146 -0.17 -3.64 -3.37
N TYR B 147 0.16 -4.71 -2.67
CA TYR B 147 1.42 -5.40 -2.89
C TYR B 147 1.11 -6.65 -3.69
N VAL B 148 1.80 -6.84 -4.81
CA VAL B 148 1.66 -8.07 -5.59
C VAL B 148 2.66 -9.10 -5.08
N ILE B 149 2.15 -10.21 -4.58
CA ILE B 149 2.97 -11.22 -3.93
C ILE B 149 3.05 -12.45 -4.84
N ASN B 150 4.27 -12.88 -5.09
CA ASN B 150 4.58 -14.07 -5.85
C ASN B 150 5.51 -14.95 -5.05
N GLY B 151 5.15 -16.21 -4.96
CA GLY B 151 6.02 -17.11 -4.22
C GLY B 151 5.27 -18.34 -3.76
N GLN B 152 5.81 -18.94 -2.71
CA GLN B 152 5.26 -20.17 -2.18
C GLN B 152 5.78 -20.41 -0.78
N LYS B 153 4.99 -21.20 -0.05
CA LYS B 153 5.30 -21.57 1.31
C LYS B 153 4.97 -23.05 1.47
N CYS B 154 5.57 -23.69 2.47
CA CYS B 154 5.24 -25.07 2.75
C CYS B 154 5.27 -25.29 4.26
N PHE B 155 4.61 -26.40 4.65
CA PHE B 155 4.56 -26.85 6.03
C PHE B 155 3.78 -25.84 6.87
N ILE B 156 2.83 -25.15 6.24
CA ILE B 156 2.11 -24.11 6.95
C ILE B 156 0.96 -24.77 7.74
N THR B 157 1.08 -24.81 9.07
CA THR B 157 0.03 -25.40 9.87
C THR B 157 -1.27 -24.59 9.74
N ASN B 158 -2.38 -25.26 9.42
CA ASN B 158 -3.68 -24.65 9.19
C ASN B 158 -3.70 -23.71 8.00
N GLY B 159 -2.68 -23.70 7.16
CA GLY B 159 -2.62 -22.70 6.10
C GLY B 159 -3.87 -22.67 5.20
N SER B 160 -4.38 -23.82 4.81
CA SER B 160 -5.46 -23.81 3.82
C SER B 160 -6.80 -23.52 4.45
N VAL B 161 -6.89 -23.57 5.79
CA VAL B 161 -8.16 -23.31 6.45
C VAL B 161 -8.14 -21.96 7.17
N ALA B 162 -7.00 -21.32 7.22
CA ALA B 162 -6.87 -20.06 7.95
C ALA B 162 -7.63 -18.91 7.29
N ASP B 163 -8.34 -18.13 8.11
CA ASP B 163 -9.02 -16.92 7.65
C ASP B 163 -8.04 -15.78 7.50
N VAL B 164 -7.08 -15.75 8.40
CA VAL B 164 -6.02 -14.74 8.39
C VAL B 164 -4.67 -15.44 8.37
N ILE B 165 -3.84 -15.09 7.40
CA ILE B 165 -2.52 -15.67 7.30
C ILE B 165 -1.51 -14.53 7.41
N VAL B 166 -0.47 -14.70 8.24
CA VAL B 166 0.67 -13.77 8.19
C VAL B 166 1.70 -14.33 7.23
N VAL B 167 1.96 -13.60 6.15
CA VAL B 167 2.90 -14.06 5.10
C VAL B 167 4.15 -13.19 5.18
N TYR B 168 5.30 -13.80 5.19
CA TYR B 168 6.58 -13.09 5.11
C TYR B 168 7.10 -13.16 3.69
N ALA B 169 7.54 -12.01 3.15
CA ALA B 169 8.07 -11.92 1.79
C ALA B 169 9.08 -10.80 1.71
N TYR B 170 10.05 -10.95 0.82
CA TYR B 170 10.96 -9.85 0.57
C TYR B 170 10.27 -8.69 -0.18
N THR B 171 10.33 -7.48 0.39
CA THR B 171 10.10 -6.23 -0.32
C THR B 171 11.39 -5.64 -0.93
N ASP B 172 12.55 -5.96 -0.38
CA ASP B 172 13.81 -5.51 -0.98
C ASP B 172 14.85 -6.61 -0.79
N PRO B 173 14.97 -7.51 -1.77
CA PRO B 173 16.01 -8.57 -1.66
C PRO B 173 17.40 -8.07 -1.38
N GLU B 174 17.70 -6.87 -1.78
CA GLU B 174 19.07 -6.40 -1.61
C GLU B 174 19.40 -5.97 -0.19
N LYS B 175 18.41 -5.86 0.68
CA LYS B 175 18.66 -5.48 2.06
C LYS B 175 18.74 -6.67 3.00
N GLY B 176 18.58 -7.89 2.51
CA GLY B 176 18.81 -9.04 3.32
C GLY B 176 17.90 -9.03 4.52
N SER B 177 18.49 -9.17 5.73
CA SER B 177 17.69 -9.26 6.95
C SER B 177 16.91 -7.96 7.21
N LYS B 178 17.20 -6.88 6.48
CA LYS B 178 16.33 -5.72 6.56
C LYS B 178 15.45 -5.49 5.33
N GLY B 179 15.27 -6.51 4.49
CA GLY B 179 14.42 -6.40 3.32
C GLY B 179 13.18 -7.27 3.29
N ILE B 180 12.86 -7.90 4.43
CA ILE B 180 11.66 -8.71 4.55
C ILE B 180 10.56 -7.88 5.20
N SER B 181 9.34 -8.10 4.72
CA SER B 181 8.14 -7.54 5.29
C SER B 181 7.13 -8.66 5.56
N ALA B 182 6.18 -8.32 6.39
CA ALA B 182 5.12 -9.22 6.82
C ALA B 182 3.80 -8.61 6.44
N PHE B 183 2.83 -9.45 6.06
CA PHE B 183 1.54 -9.02 5.54
C PHE B 183 0.39 -9.86 6.07
N VAL B 184 -0.72 -9.19 6.38
CA VAL B 184 -2.00 -9.88 6.64
C VAL B 184 -2.60 -10.27 5.30
N VAL B 185 -2.87 -11.56 5.15
CA VAL B 185 -3.43 -12.09 3.90
C VAL B 185 -4.69 -12.84 4.26
N GLU B 186 -5.82 -12.41 3.71
CA GLU B 186 -7.07 -13.08 4.06
C GLU B 186 -7.38 -14.25 3.15
N LYS B 187 -8.03 -15.27 3.74
CA LYS B 187 -8.79 -16.22 2.94
C LYS B 187 -9.65 -15.51 1.89
N GLY B 188 -9.67 -16.08 0.70
CA GLY B 188 -10.39 -15.55 -0.43
C GLY B 188 -9.64 -14.53 -1.25
N THR B 189 -8.38 -14.25 -0.93
CA THR B 189 -7.59 -13.26 -1.70
C THR B 189 -7.32 -13.79 -3.11
N PRO B 190 -7.58 -13.02 -4.16
CA PRO B 190 -7.23 -13.52 -5.49
C PRO B 190 -5.74 -13.79 -5.63
N GLY B 191 -5.40 -14.98 -6.13
CA GLY B 191 -4.00 -15.35 -6.22
C GLY B 191 -3.48 -16.23 -5.13
N LEU B 192 -4.26 -16.40 -4.06
CA LEU B 192 -3.93 -17.38 -3.04
C LEU B 192 -4.42 -18.72 -3.53
N VAL B 193 -3.49 -19.66 -3.69
CA VAL B 193 -3.75 -20.98 -4.22
C VAL B 193 -3.27 -22.01 -3.17
N TYR B 194 -4.12 -22.96 -2.84
CA TYR B 194 -3.75 -24.02 -1.92
C TYR B 194 -3.17 -25.21 -2.69
N GLY B 195 -2.08 -25.74 -2.20
CA GLY B 195 -1.46 -26.94 -2.71
C GLY B 195 -1.88 -28.13 -1.89
N ARG B 196 -0.98 -29.09 -1.76
CA ARG B 196 -1.27 -30.32 -1.03
C ARG B 196 -1.30 -30.06 0.48
N ASN B 197 -2.08 -30.88 1.18
CA ASN B 197 -1.97 -31.08 2.63
C ASN B 197 -1.07 -32.30 2.78
N GLU B 198 0.18 -32.12 3.15
CA GLU B 198 1.13 -33.23 3.06
C GLU B 198 0.92 -34.20 4.21
N SER B 199 0.93 -35.48 3.88
CA SER B 199 0.79 -36.51 4.89
C SER B 199 2.06 -36.70 5.70
N LYS B 200 1.86 -36.77 7.02
CA LYS B 200 2.93 -36.73 8.00
C LYS B 200 3.02 -37.98 8.85
N MET B 201 4.18 -38.21 9.44
CA MET B 201 4.34 -39.37 10.34
C MET B 201 3.36 -39.33 11.51
N GLY B 202 3.19 -38.17 12.09
CA GLY B 202 2.46 -37.87 13.33
C GLY B 202 1.78 -36.51 13.27
N MET B 203 1.21 -36.12 14.42
CA MET B 203 0.35 -34.94 14.60
C MET B 203 -0.49 -34.92 13.32
N ARG B 204 -1.17 -36.03 13.04
N ARG B 204 -1.16 -36.02 13.04
CA ARG B 204 -1.99 -36.19 11.82
CA ARG B 204 -1.98 -36.18 11.82
C ARG B 204 -3.32 -35.45 11.89
C ARG B 204 -3.31 -35.44 11.89
N GLY B 205 -3.80 -35.13 13.09
CA GLY B 205 -5.01 -34.38 13.24
C GLY B 205 -4.81 -32.89 13.12
N SER B 206 -4.28 -32.50 11.97
CA SER B 206 -3.75 -31.16 11.76
C SER B 206 -3.81 -30.98 10.25
N ILE B 207 -3.57 -29.76 9.81
CA ILE B 207 -3.52 -29.46 8.38
C ILE B 207 -2.18 -28.82 8.13
N ASN B 208 -1.47 -29.29 7.10
CA ASN B 208 -0.05 -28.93 6.89
C ASN B 208 0.06 -28.54 5.41
N SER B 209 -0.03 -27.25 5.11
CA SER B 209 -0.38 -26.84 3.77
C SER B 209 0.79 -26.31 2.99
N GLU B 210 0.76 -26.61 1.69
CA GLU B 210 1.50 -25.82 0.72
C GLU B 210 0.62 -24.65 0.32
N LEU B 211 1.23 -23.45 0.16
CA LEU B 211 0.55 -22.27 -0.35
C LEU B 211 1.34 -21.74 -1.54
N PHE B 212 0.64 -21.30 -2.56
CA PHE B 212 1.23 -20.63 -3.72
C PHE B 212 0.59 -19.26 -3.81
N PHE B 213 1.37 -18.25 -4.19
CA PHE B 213 0.93 -16.89 -4.39
C PHE B 213 1.26 -16.57 -5.84
N GLU B 214 0.23 -16.41 -6.65
CA GLU B 214 0.34 -16.20 -8.08
C GLU B 214 -0.33 -14.84 -8.33
N ASN B 215 0.51 -13.80 -8.46
CA ASN B 215 0.07 -12.43 -8.58
C ASN B 215 -1.04 -12.14 -7.57
N MET B 216 -0.78 -12.52 -6.34
CA MET B 216 -1.74 -12.35 -5.25
C MET B 216 -1.73 -10.90 -4.79
N GLU B 217 -2.86 -10.23 -4.90
CA GLU B 217 -2.95 -8.79 -4.69
C GLU B 217 -3.41 -8.55 -3.25
N VAL B 218 -2.48 -8.15 -2.41
CA VAL B 218 -2.74 -7.87 -1.00
C VAL B 218 -2.90 -6.36 -0.84
N PRO B 219 -3.99 -5.88 -0.23
CA PRO B 219 -4.11 -4.45 0.05
C PRO B 219 -2.86 -3.89 0.73
N ALA B 220 -2.45 -2.70 0.26
CA ALA B 220 -1.23 -2.09 0.80
C ALA B 220 -1.37 -1.83 2.28
N GLU B 221 -2.58 -1.52 2.73
CA GLU B 221 -2.82 -1.33 4.17
C GLU B 221 -2.71 -2.60 5.02
N ASN B 222 -2.42 -3.76 4.44
CA ASN B 222 -2.32 -5.02 5.18
C ASN B 222 -0.89 -5.28 5.64
N ILE B 223 0.06 -4.39 5.36
CA ILE B 223 1.43 -4.64 5.80
C ILE B 223 1.47 -4.48 7.31
N ILE B 224 2.18 -5.40 7.98
CA ILE B 224 2.48 -5.36 9.40
C ILE B 224 3.80 -4.59 9.63
N GLY B 225 3.67 -3.44 10.27
CA GLY B 225 4.82 -2.57 10.58
C GLY B 225 5.36 -2.01 9.28
N ALA B 226 6.51 -1.35 9.39
CA ALA B 226 7.08 -0.69 8.22
C ALA B 226 7.73 -1.75 7.32
N GLU B 227 7.96 -1.39 6.07
CA GLU B 227 8.68 -2.28 5.16
C GLU B 227 10.06 -2.61 5.71
N GLY B 228 10.49 -3.84 5.51
CA GLY B 228 11.82 -4.25 5.98
C GLY B 228 11.93 -4.68 7.42
N THR B 229 10.88 -4.53 8.23
CA THR B 229 10.91 -4.93 9.63
C THR B 229 10.40 -6.36 9.82
N GLY B 230 10.07 -7.07 8.73
CA GLY B 230 9.49 -8.41 8.88
C GLY B 230 10.39 -9.46 9.53
N PHE B 231 11.73 -9.39 9.27
CA PHE B 231 12.57 -10.44 9.83
C PHE B 231 12.59 -10.36 11.35
N ALA B 232 12.75 -9.13 11.90
CA ALA B 232 12.74 -9.00 13.36
C ALA B 232 11.41 -9.44 13.93
N ASN B 233 10.33 -9.11 13.25
CA ASN B 233 9.01 -9.59 13.70
C ASN B 233 8.89 -11.11 13.69
N LEU B 234 9.36 -11.77 12.63
CA LEU B 234 9.41 -13.24 12.62
C LEU B 234 10.25 -13.77 13.78
N MET B 235 11.46 -13.27 13.91
CA MET B 235 12.35 -13.74 15.00
C MET B 235 11.69 -13.56 16.38
N GLN B 236 11.02 -12.47 16.63
CA GLN B 236 10.36 -12.27 17.93
C GLN B 236 9.26 -13.30 18.14
N THR B 237 8.59 -13.69 17.07
CA THR B 237 7.54 -14.70 17.22
C THR B 237 8.13 -16.07 17.54
N LEU B 238 9.27 -16.39 16.93
CA LEU B 238 9.86 -17.73 17.08
C LEU B 238 10.35 -17.93 18.49
N SER B 239 10.84 -16.88 19.11
CA SER B 239 11.22 -17.02 20.53
C SER B 239 10.05 -17.51 21.38
N THR B 240 8.89 -16.89 21.22
CA THR B 240 7.71 -17.35 21.95
C THR B 240 7.29 -18.75 21.50
N ASN B 241 7.16 -18.95 20.19
N ASN B 241 7.15 -19.01 20.20
CA ASN B 241 6.73 -20.24 19.66
CA ASN B 241 6.64 -20.34 19.80
C ASN B 241 7.53 -21.41 20.23
C ASN B 241 7.59 -21.51 20.12
N ARG B 242 8.86 -21.25 20.39
CA ARG B 242 9.70 -22.30 20.96
C ARG B 242 9.26 -22.70 22.39
N VAL B 243 8.84 -21.74 23.21
CA VAL B 243 8.35 -22.11 24.54
C VAL B 243 7.04 -22.92 24.45
N PHE B 244 6.18 -22.59 23.49
CA PHE B 244 4.98 -23.41 23.25
C PHE B 244 5.33 -24.85 22.78
N CYS B 245 6.28 -25.01 21.85
CA CYS B 245 6.75 -26.33 21.41
C CYS B 245 7.23 -27.12 22.66
N ALA B 246 8.00 -26.43 23.46
CA ALA B 246 8.56 -27.05 24.71
C ALA B 246 7.43 -27.58 25.60
N ALA B 247 6.43 -26.70 25.88
CA ALA B 247 5.24 -27.05 26.67
C ALA B 247 4.52 -28.25 26.12
N GLN B 248 4.25 -28.25 24.81
CA GLN B 248 3.60 -29.39 24.18
C GLN B 248 4.40 -30.68 24.32
N ALA B 249 5.72 -30.58 24.15
CA ALA B 249 6.59 -31.73 24.35
C ALA B 249 6.55 -32.26 25.80
N VAL B 250 6.58 -31.37 26.79
CA VAL B 250 6.44 -31.80 28.18
C VAL B 250 5.19 -32.65 28.33
N GLY B 251 4.08 -32.15 27.78
CA GLY B 251 2.79 -32.83 27.85
C GLY B 251 2.86 -34.20 27.24
N ILE B 252 3.38 -34.30 25.99
CA ILE B 252 3.48 -35.56 25.27
C ILE B 252 4.26 -36.56 26.11
N ALA B 253 5.41 -36.12 26.62
CA ALA B 253 6.24 -36.99 27.47
C ALA B 253 5.50 -37.46 28.73
N GLN B 254 4.81 -36.57 29.37
CA GLN B 254 4.05 -36.97 30.53
C GLN B 254 2.93 -37.96 30.21
N GLY B 255 2.19 -37.68 29.15
CA GLY B 255 1.10 -38.60 28.79
C GLY B 255 1.61 -40.01 28.51
N ALA B 256 2.72 -40.10 27.83
CA ALA B 256 3.30 -41.40 27.51
C ALA B 256 3.79 -42.06 28.79
N LEU B 257 4.52 -41.32 29.61
CA LEU B 257 4.92 -41.80 30.96
C LEU B 257 3.71 -42.37 31.71
N ASP B 258 2.56 -41.64 31.71
CA ASP B 258 1.41 -42.05 32.51
C ASP B 258 0.90 -43.41 32.06
N ILE B 259 0.85 -43.65 30.72
CA ILE B 259 0.42 -44.94 30.17
C ILE B 259 1.42 -46.03 30.55
N ALA B 260 2.73 -45.73 30.41
CA ALA B 260 3.78 -46.68 30.85
C ALA B 260 3.60 -47.07 32.31
N VAL B 261 3.44 -46.08 33.18
CA VAL B 261 3.36 -46.32 34.63
C VAL B 261 2.18 -47.23 34.95
N ARG B 262 1.01 -46.89 34.39
CA ARG B 262 -0.19 -47.72 34.60
C ARG B 262 0.05 -49.15 34.13
N HIS B 263 0.69 -49.29 32.97
CA HIS B 263 0.98 -50.61 32.43
C HIS B 263 1.82 -51.44 33.40
N THR B 264 2.88 -50.84 33.97
CA THR B 264 3.76 -51.57 34.84
C THR B 264 2.99 -52.10 36.05
N GLN B 265 1.99 -51.33 36.48
CA GLN B 265 1.19 -51.72 37.63
C GLN B 265 0.25 -52.86 37.28
N ASP B 266 -0.29 -52.88 36.07
CA ASP B 266 -1.29 -53.88 35.73
C ASP B 266 -0.75 -55.14 35.04
N ARG B 267 0.41 -55.07 34.35
CA ARG B 267 0.84 -56.19 33.52
C ARG B 267 1.69 -57.13 34.40
N VAL B 268 1.22 -58.37 34.54
CA VAL B 268 1.97 -59.36 35.30
C VAL B 268 2.79 -60.23 34.36
N GLN B 269 4.09 -60.35 34.67
CA GLN B 269 4.99 -61.36 34.13
C GLN B 269 5.88 -61.84 35.28
N PHE B 270 6.31 -63.08 35.17
CA PHE B 270 7.11 -63.71 36.24
C PHE B 270 6.40 -63.62 37.59
N GLY B 271 5.08 -63.71 37.58
CA GLY B 271 4.31 -63.88 38.81
C GLY B 271 3.90 -62.61 39.52
N LYS B 272 4.39 -61.42 39.08
CA LYS B 272 4.01 -60.17 39.73
C LYS B 272 3.87 -59.09 38.69
N PRO B 273 3.31 -57.92 39.06
CA PRO B 273 3.36 -56.78 38.14
C PRO B 273 4.79 -56.49 37.75
N ILE B 274 5.01 -56.12 36.50
CA ILE B 274 6.38 -55.81 36.03
C ILE B 274 6.97 -54.62 36.75
N ALA B 275 6.14 -53.82 37.43
CA ALA B 275 6.65 -52.74 38.26
C ALA B 275 7.61 -53.24 39.36
N HIS B 276 7.54 -54.51 39.75
CA HIS B 276 8.43 -55.12 40.71
C HIS B 276 9.82 -55.38 40.14
N LEU B 277 10.01 -55.33 38.84
CA LEU B 277 11.29 -55.60 38.17
C LEU B 277 12.17 -54.34 38.23
N ALA B 278 13.37 -54.49 38.79
CA ALA B 278 14.22 -53.32 38.95
C ALA B 278 14.54 -52.61 37.63
N PRO B 279 14.81 -53.32 36.52
CA PRO B 279 15.05 -52.59 35.23
C PRO B 279 13.89 -51.73 34.85
N VAL B 280 12.67 -52.16 35.12
CA VAL B 280 11.49 -51.36 34.74
C VAL B 280 11.39 -50.13 35.64
N GLN B 281 11.71 -50.33 36.93
CA GLN B 281 11.76 -49.22 37.86
C GLN B 281 12.79 -48.20 37.39
N PHE B 282 13.94 -48.67 36.93
CA PHE B 282 14.99 -47.73 36.54
C PHE B 282 14.55 -46.93 35.30
N MET B 283 13.90 -47.61 34.35
CA MET B 283 13.47 -46.94 33.11
C MET B 283 12.42 -45.86 33.43
N VAL B 284 11.45 -46.20 34.29
CA VAL B 284 10.46 -45.23 34.76
C VAL B 284 11.12 -44.07 35.51
N ALA B 285 12.13 -44.32 36.35
CA ALA B 285 12.85 -43.29 37.09
C ALA B 285 13.45 -42.28 36.10
N ASP B 286 14.13 -42.79 35.06
CA ASP B 286 14.80 -41.92 34.10
C ASP B 286 13.76 -41.12 33.33
N MET B 287 12.67 -41.78 32.93
CA MET B 287 11.64 -41.07 32.15
C MET B 287 11.09 -39.92 32.99
N ALA B 288 10.65 -40.23 34.20
CA ALA B 288 10.04 -39.26 35.07
C ALA B 288 10.98 -38.11 35.34
N THR B 289 12.25 -38.42 35.65
CA THR B 289 13.25 -37.39 35.93
C THR B 289 13.35 -36.42 34.75
N ALA B 290 13.47 -36.97 33.54
CA ALA B 290 13.58 -36.09 32.36
C ALA B 290 12.32 -35.24 32.17
N VAL B 291 11.15 -35.81 32.37
CA VAL B 291 9.91 -35.01 32.22
C VAL B 291 9.91 -33.87 33.22
N GLU B 292 10.19 -34.17 34.47
CA GLU B 292 10.13 -33.15 35.51
C GLU B 292 11.15 -32.04 35.22
N ALA B 293 12.42 -32.41 34.91
CA ALA B 293 13.44 -31.40 34.62
C ALA B 293 12.99 -30.51 33.45
N SER B 294 12.45 -31.12 32.41
CA SER B 294 11.98 -30.40 31.23
C SER B 294 10.83 -29.47 31.57
N ARG B 295 9.91 -29.94 32.41
CA ARG B 295 8.79 -29.15 32.91
C ARG B 295 9.28 -27.87 33.62
N LEU B 296 10.26 -28.03 34.53
CA LEU B 296 10.78 -26.93 35.32
C LEU B 296 11.45 -25.90 34.42
N LEU B 297 12.21 -26.37 33.46
N LEU B 297 12.23 -26.37 33.48
CA LEU B 297 12.91 -25.47 32.53
CA LEU B 297 12.92 -25.48 32.51
C LEU B 297 11.90 -24.72 31.66
C LEU B 297 11.86 -24.69 31.72
N THR B 298 10.87 -25.41 31.19
CA THR B 298 9.86 -24.78 30.36
C THR B 298 9.11 -23.72 31.14
N ARG B 299 8.83 -23.98 32.42
N ARG B 299 8.79 -24.00 32.41
CA ARG B 299 8.02 -23.05 33.23
CA ARG B 299 8.02 -23.05 33.26
C ARG B 299 8.85 -21.80 33.56
C ARG B 299 8.86 -21.80 33.49
N LYS B 300 10.15 -22.01 33.74
CA LYS B 300 11.09 -20.89 33.92
C LYS B 300 11.13 -20.04 32.66
N ALA B 301 11.27 -20.69 31.48
CA ALA B 301 11.29 -19.96 30.20
C ALA B 301 9.99 -19.17 29.97
N ALA B 302 8.85 -19.73 30.32
CA ALA B 302 7.58 -19.01 30.12
C ALA B 302 7.47 -17.78 31.04
N GLU B 303 7.88 -17.92 32.32
CA GLU B 303 7.81 -16.82 33.27
C GLU B 303 8.73 -15.70 32.84
N LEU B 304 9.95 -16.05 32.39
CA LEU B 304 10.90 -15.04 31.93
C LEU B 304 10.33 -14.26 30.76
N LEU B 305 9.65 -14.96 29.83
CA LEU B 305 9.05 -14.28 28.68
C LEU B 305 7.96 -13.33 29.13
N ASP B 306 7.06 -13.80 30.02
CA ASP B 306 6.04 -12.93 30.61
C ASP B 306 6.65 -11.72 31.31
N ASP B 307 7.79 -11.89 31.99
CA ASP B 307 8.46 -10.77 32.66
C ASP B 307 9.25 -9.87 31.72
N GLY B 308 9.37 -10.21 30.45
CA GLY B 308 10.18 -9.32 29.64
C GLY B 308 11.66 -9.46 29.91
N ASP B 309 12.09 -10.60 30.46
CA ASP B 309 13.44 -10.77 30.99
C ASP B 309 14.41 -11.06 29.87
N LYS B 310 15.66 -10.58 30.10
CA LYS B 310 16.71 -10.66 29.09
C LYS B 310 17.03 -12.11 28.77
N LYS B 311 16.97 -12.95 29.76
CA LYS B 311 17.38 -14.32 29.60
C LYS B 311 16.31 -15.18 28.95
N ALA B 312 15.17 -14.63 28.58
CA ALA B 312 14.11 -15.48 28.08
C ALA B 312 14.55 -16.25 26.83
N VAL B 313 15.23 -15.60 25.89
CA VAL B 313 15.67 -16.29 24.68
C VAL B 313 16.51 -17.53 25.00
N LEU B 314 17.46 -17.41 25.88
CA LEU B 314 18.35 -18.53 26.19
C LEU B 314 17.55 -19.66 26.82
N TYR B 315 16.71 -19.30 27.80
CA TYR B 315 15.98 -20.34 28.55
C TYR B 315 14.91 -20.97 27.68
N GLY B 316 14.35 -20.22 26.74
CA GLY B 316 13.37 -20.84 25.83
C GLY B 316 14.05 -21.80 24.83
N SER B 317 15.23 -21.51 24.33
CA SER B 317 15.90 -22.42 23.40
C SER B 317 16.33 -23.65 24.19
N MET B 318 16.78 -23.48 25.43
CA MET B 318 17.14 -24.65 26.23
C MET B 318 15.93 -25.54 26.49
N ALA B 319 14.81 -24.94 26.86
CA ALA B 319 13.54 -25.65 27.10
C ALA B 319 13.09 -26.39 25.86
N LYS B 320 13.11 -25.73 24.73
CA LYS B 320 12.64 -26.40 23.49
C LYS B 320 13.53 -27.64 23.17
N THR B 321 14.87 -27.52 23.36
CA THR B 321 15.75 -28.61 22.99
C THR B 321 15.51 -29.74 23.95
N MET B 322 15.44 -29.37 25.26
N MET B 322 15.63 -29.46 25.25
CA MET B 322 15.49 -30.37 26.33
CA MET B 322 15.50 -30.55 26.22
C MET B 322 14.15 -31.07 26.45
C MET B 322 14.11 -31.18 26.14
N ALA B 323 13.05 -30.37 26.20
CA ALA B 323 11.69 -30.94 26.29
C ALA B 323 11.35 -31.82 25.07
N SER B 324 11.73 -31.40 23.85
CA SER B 324 11.53 -32.19 22.65
C SER B 324 12.41 -33.43 22.67
N ASP B 325 13.67 -33.36 23.10
CA ASP B 325 14.50 -34.56 23.15
C ASP B 325 13.94 -35.52 24.21
N THR B 326 13.43 -34.97 25.28
CA THR B 326 12.81 -35.75 26.34
C THR B 326 11.57 -36.41 25.83
N ALA B 327 10.73 -35.68 25.09
CA ALA B 327 9.55 -36.31 24.52
C ALA B 327 9.95 -37.47 23.61
N MET B 328 10.92 -37.28 22.75
CA MET B 328 11.33 -38.35 21.83
C MET B 328 11.81 -39.56 22.67
N ARG B 329 12.69 -39.35 23.63
N ARG B 329 12.62 -39.30 23.68
CA ARG B 329 13.26 -40.49 24.35
CA ARG B 329 13.27 -40.40 24.40
C ARG B 329 12.15 -41.16 25.19
C ARG B 329 12.25 -41.13 25.26
N VAL B 330 11.38 -40.36 25.94
CA VAL B 330 10.36 -40.94 26.82
C VAL B 330 9.28 -41.71 26.04
N THR B 331 8.84 -41.19 24.88
CA THR B 331 7.80 -41.90 24.12
C THR B 331 8.40 -43.21 23.54
N THR B 332 9.67 -43.16 23.13
CA THR B 332 10.32 -44.35 22.61
C THR B 332 10.40 -45.42 23.70
N ASP B 333 10.72 -45.02 24.91
CA ASP B 333 10.75 -45.99 26.03
C ASP B 333 9.36 -46.36 26.52
N ALA B 334 8.35 -45.45 26.45
CA ALA B 334 7.01 -45.82 26.84
C ALA B 334 6.47 -46.95 25.95
N VAL B 335 6.68 -46.84 24.64
CA VAL B 335 6.37 -47.94 23.72
C VAL B 335 7.11 -49.19 24.21
N GLN B 336 8.35 -48.99 24.65
CA GLN B 336 9.14 -50.15 25.09
C GLN B 336 8.54 -50.76 26.35
N VAL B 337 8.13 -49.93 27.32
CA VAL B 337 7.52 -50.47 28.55
C VAL B 337 6.28 -51.31 28.24
N LEU B 338 5.52 -50.93 27.22
CA LEU B 338 4.32 -51.66 26.81
C LEU B 338 4.61 -52.94 26.01
N GLY B 339 5.88 -53.22 25.68
CA GLY B 339 6.14 -54.45 24.95
C GLY B 339 5.44 -54.37 23.61
N GLY B 340 5.06 -55.57 23.15
CA GLY B 340 4.32 -55.66 21.93
C GLY B 340 3.07 -54.80 21.91
N SER B 341 2.34 -54.77 23.06
CA SER B 341 1.11 -53.93 23.01
C SER B 341 1.43 -52.46 22.78
N GLY B 342 2.67 -52.03 23.12
CA GLY B 342 3.10 -50.65 22.87
C GLY B 342 3.18 -50.30 21.39
N TYR B 343 3.39 -51.29 20.56
CA TYR B 343 3.53 -51.12 19.10
C TYR B 343 2.16 -51.13 18.41
N MET B 344 1.07 -51.37 19.12
CA MET B 344 -0.26 -51.52 18.52
C MET B 344 -0.93 -50.14 18.56
N LYS B 345 -1.53 -49.75 17.45
CA LYS B 345 -2.20 -48.45 17.38
C LYS B 345 -3.22 -48.25 18.49
N GLU B 346 -3.91 -49.32 18.90
CA GLU B 346 -5.01 -49.18 19.84
C GLU B 346 -4.56 -48.62 21.17
N ASN B 347 -3.27 -48.72 21.49
CA ASN B 347 -2.77 -48.39 22.81
C ASN B 347 -2.16 -47.00 22.93
N GLY B 348 -2.22 -46.17 21.86
CA GLY B 348 -1.98 -44.75 22.02
C GLY B 348 -0.51 -44.28 22.09
N VAL B 349 0.35 -45.01 22.79
CA VAL B 349 1.74 -44.57 22.91
C VAL B 349 2.48 -44.56 21.61
N GLU B 350 2.16 -45.44 20.64
CA GLU B 350 2.93 -45.41 19.41
C GLU B 350 2.65 -44.07 18.71
N ARG B 351 1.40 -43.60 18.73
CA ARG B 351 1.08 -42.27 18.17
C ARG B 351 1.89 -41.18 18.89
N MET B 352 1.95 -41.24 20.23
CA MET B 352 2.68 -40.20 20.99
C MET B 352 4.11 -40.17 20.57
N MET B 353 4.71 -41.35 20.27
CA MET B 353 6.08 -41.44 19.78
C MET B 353 6.18 -40.74 18.40
N ARG B 354 5.26 -41.05 17.49
CA ARG B 354 5.22 -40.41 16.16
C ARG B 354 5.09 -38.89 16.32
N ASP B 355 4.16 -38.46 17.21
CA ASP B 355 3.91 -37.04 17.49
C ASP B 355 5.21 -36.36 17.98
N ALA B 356 5.86 -37.00 18.99
CA ALA B 356 7.06 -36.50 19.64
C ALA B 356 8.08 -36.08 18.61
N LYS B 357 8.31 -36.92 17.58
CA LYS B 357 9.35 -36.62 16.61
C LYS B 357 9.25 -35.21 15.99
N LEU B 358 8.02 -34.70 15.78
CA LEU B 358 7.85 -33.39 15.17
C LEU B 358 8.43 -32.26 16.07
N THR B 359 8.37 -32.43 17.39
CA THR B 359 8.76 -31.36 18.31
C THR B 359 10.25 -31.09 18.27
N GLN B 360 11.03 -32.08 17.74
CA GLN B 360 12.48 -31.91 17.51
C GLN B 360 12.79 -31.13 16.23
N ILE B 361 11.81 -30.91 15.40
CA ILE B 361 11.99 -30.29 14.06
C ILE B 361 11.32 -28.93 13.96
N TYR B 362 10.05 -28.89 14.30
CA TYR B 362 9.32 -27.62 14.09
C TYR B 362 9.66 -26.56 15.14
N THR B 363 9.21 -25.37 14.85
CA THR B 363 9.59 -24.13 15.58
C THR B 363 11.10 -23.88 15.50
N GLY B 364 11.80 -24.62 14.65
CA GLY B 364 13.24 -24.49 14.47
C GLY B 364 13.79 -25.81 14.93
N THR B 365 14.70 -26.40 14.16
CA THR B 365 15.16 -27.73 14.63
C THR B 365 16.05 -27.64 15.86
N ASN B 366 16.30 -28.81 16.48
CA ASN B 366 17.08 -28.79 17.71
C ASN B 366 18.52 -28.55 17.44
N GLN B 367 18.94 -28.61 16.19
CA GLN B 367 20.29 -28.13 15.80
C GLN B 367 20.32 -26.62 15.85
N ILE B 368 19.30 -25.97 15.25
CA ILE B 368 19.25 -24.52 15.29
C ILE B 368 19.09 -24.05 16.73
N THR B 369 18.23 -24.69 17.53
CA THR B 369 18.06 -24.23 18.93
C THR B 369 19.36 -24.35 19.76
N ARG B 370 20.15 -25.42 19.55
CA ARG B 370 21.44 -25.54 20.22
C ARG B 370 22.37 -24.45 19.75
N MET B 371 22.33 -24.09 18.47
CA MET B 371 23.13 -22.96 18.02
C MET B 371 22.72 -21.66 18.73
N VAL B 372 21.40 -21.36 18.81
CA VAL B 372 20.86 -20.18 19.49
C VAL B 372 21.32 -20.19 20.95
N THR B 373 21.24 -21.35 21.61
CA THR B 373 21.63 -21.44 23.02
C THR B 373 23.15 -21.19 23.18
N GLY B 374 23.94 -21.89 22.37
CA GLY B 374 25.37 -21.79 22.45
C GLY B 374 25.86 -20.36 22.17
N ARG B 375 25.34 -19.75 21.10
CA ARG B 375 25.68 -18.37 20.81
C ARG B 375 25.31 -17.45 22.01
N ALA B 376 24.13 -17.69 22.65
CA ALA B 376 23.74 -16.81 23.77
C ALA B 376 24.71 -16.96 24.94
N LEU B 377 25.12 -18.20 25.21
CA LEU B 377 26.07 -18.47 26.29
C LEU B 377 27.46 -17.93 26.00
N LEU B 378 27.95 -18.08 24.78
CA LEU B 378 29.35 -17.74 24.48
C LEU B 378 29.59 -16.30 24.03
N PHE B 379 28.55 -15.64 23.52
CA PHE B 379 28.58 -14.26 23.06
C PHE B 379 27.47 -13.49 23.77
N PRO B 380 27.49 -13.38 25.10
CA PRO B 380 26.47 -12.63 25.78
C PRO B 380 26.87 -11.17 25.54
#